data_2EZ8
#
_entry.id   2EZ8
#
_cell.length_a   118.133
_cell.length_b   154.462
_cell.length_c   165.656
_cell.angle_alpha   90.00
_cell.angle_beta   90.00
_cell.angle_gamma   90.00
#
_symmetry.space_group_name_H-M   'C 2 2 21'
#
loop_
_entity.id
_entity.type
_entity.pdbx_description
1 polymer 'Pyruvate oxidase'
2 non-polymer 'MAGNESIUM ION'
3 non-polymer 'SODIUM ION'
4 non-polymer 3-[(4-AMINO-2-METHYLPYRIMIDIN-5-YL)METHYL]-2-(1-CARBOXY-1-HYDROXYETHYL)-5-(2-{[HYDROXY(PHOSPHONOOXY)PHOSPHORYL]OXY}ETHYL)-4-METHYL-1,3-THIAZOL-3-IUM
5 non-polymer 'FLAVIN-ADENINE DINUCLEOTIDE'
6 non-polymer 'PYRUVIC ACID'
7 water water
#
_entity_poly.entity_id   1
_entity_poly.type   'polypeptide(L)'
_entity_poly.pdbx_seq_one_letter_code
;MVMKQTKQTNILAGAAVIKVLEAWGVDHLYGIPGGSINSIMDALSAERDRIHYIQVRHEEVGAMAAAADAKLTGKIGVCF
GSAGPGGTHLMNGLYDAREDHVPVLALIGQFGTTGMNMDTFQEMNENPIYADVADYNVTAVNAATLPHVIDEAIRRAYAH
QGVAVVQIPVDLPWQQIPAEDWYASANSYQTPLLPEPDVQAVTRLTQTLLAAERPLIYYGIGARKAGKELEQLSKTLKIP
LMSTYPAKGIVADRYPAYLGSANRVAQKPANEALAQADVVLFVGNNYPFAEVSKAFKNTRYFLQIDIDPAKLGKRHKTDI
AVLADAQKTLAAILAQVSERESTPWWQANLANVKNWRAYLASLEDKQEGPLQAYQVLRAVNKIAEPDAIYSIDVGDINLN
ANRHLKLTPSNRHITSNLFATMGVGIPGAIAAKLNYPERQVFNLAGDGGASMTMQDLATQVQYHLPVINVVFTNCQYGWI
KDEQEDTNQNDFIGVEFNDIDFSKIADGVHMQAFRVNKIEQLPDVFEQAKAIAQHEPVLIDAVITGDRPLPAEKLRLDSA
MSSAADIEAFKQRYEAQDLQPLSTYLKQFGLDDLQHQIGQGGF
;
_entity_poly.pdbx_strand_id   A,B
#
# COMPACT_ATOMS: atom_id res chain seq x y z
N THR A 9 -19.70 19.76 -26.77
CA THR A 9 -18.44 20.57 -26.81
C THR A 9 -17.79 20.85 -25.42
N ASN A 10 -18.56 21.38 -24.46
CA ASN A 10 -18.11 21.56 -23.07
C ASN A 10 -19.01 20.84 -22.07
N ILE A 11 -18.46 20.57 -20.88
CA ILE A 11 -19.23 20.04 -19.78
C ILE A 11 -18.75 20.73 -18.49
N LEU A 12 -19.65 20.95 -17.55
CA LEU A 12 -19.26 21.45 -16.22
C LEU A 12 -18.38 20.37 -15.57
N ALA A 13 -17.25 20.78 -15.01
CA ALA A 13 -16.35 19.84 -14.31
C ALA A 13 -17.11 19.00 -13.26
N GLY A 14 -18.10 19.60 -12.58
CA GLY A 14 -18.90 18.91 -11.58
C GLY A 14 -19.75 17.80 -12.19
N ALA A 15 -20.34 18.08 -13.34
CA ALA A 15 -21.06 17.05 -14.11
C ALA A 15 -20.14 15.90 -14.52
N ALA A 16 -18.94 16.22 -14.99
CA ALA A 16 -17.96 15.17 -15.31
C ALA A 16 -17.58 14.34 -14.08
N VAL A 17 -17.36 14.98 -12.94
CA VAL A 17 -17.07 14.26 -11.70
C VAL A 17 -18.20 13.27 -11.35
N ILE A 18 -19.46 13.72 -11.40
CA ILE A 18 -20.56 12.79 -11.12
C ILE A 18 -20.58 11.62 -12.14
N LYS A 19 -20.26 11.93 -13.40
CA LYS A 19 -20.21 10.88 -14.41
C LYS A 19 -19.12 9.84 -14.11
N VAL A 20 -18.00 10.26 -13.52
CA VAL A 20 -16.96 9.33 -13.06
C VAL A 20 -17.49 8.38 -11.99
N LEU A 21 -18.21 8.94 -11.00
CA LEU A 21 -18.82 8.12 -9.94
C LEU A 21 -19.80 7.11 -10.53
N GLU A 22 -20.61 7.58 -11.49
CA GLU A 22 -21.54 6.67 -12.18
C GLU A 22 -20.80 5.55 -12.94
N ALA A 23 -19.71 5.90 -13.62
CA ALA A 23 -18.95 4.90 -14.40
C ALA A 23 -18.40 3.82 -13.47
N TRP A 24 -17.98 4.26 -12.28
CA TRP A 24 -17.50 3.33 -11.26
C TRP A 24 -18.62 2.59 -10.53
N GLY A 25 -19.87 2.80 -10.93
CA GLY A 25 -20.96 2.02 -10.36
C GLY A 25 -21.43 2.45 -8.98
N VAL A 26 -21.14 3.68 -8.58
CA VAL A 26 -21.64 4.21 -7.30
C VAL A 26 -23.16 4.40 -7.40
N ASP A 27 -23.91 3.66 -6.58
CA ASP A 27 -25.36 3.76 -6.54
C ASP A 27 -25.80 4.90 -5.61
N HIS A 28 -25.19 4.97 -4.43
CA HIS A 28 -25.60 5.97 -3.43
C HIS A 28 -24.39 6.57 -2.69
N LEU A 29 -24.56 7.79 -2.19
CA LEU A 29 -23.52 8.47 -1.43
C LEU A 29 -24.16 9.36 -0.35
N TYR A 30 -23.37 9.70 0.67
CA TYR A 30 -23.90 10.39 1.85
C TYR A 30 -23.23 11.72 2.11
N GLY A 31 -24.00 12.66 2.66
CA GLY A 31 -23.40 13.86 3.23
C GLY A 31 -24.42 14.91 3.62
N ILE A 32 -23.90 16.09 3.94
CA ILE A 32 -24.70 17.26 4.30
C ILE A 32 -24.13 18.41 3.48
N PRO A 33 -25.01 19.20 2.82
CA PRO A 33 -24.51 20.26 1.93
C PRO A 33 -23.99 21.46 2.72
N GLY A 34 -23.28 22.36 2.03
CA GLY A 34 -22.78 23.60 2.63
C GLY A 34 -22.41 24.49 1.45
N GLY A 35 -22.22 25.79 1.68
CA GLY A 35 -21.81 26.68 0.58
C GLY A 35 -20.55 26.19 -0.13
N SER A 36 -19.62 25.67 0.65
CA SER A 36 -18.32 25.22 0.16
C SER A 36 -18.41 23.94 -0.66
N ILE A 37 -19.58 23.30 -0.69
CA ILE A 37 -19.78 22.11 -1.52
C ILE A 37 -21.04 22.16 -2.41
N ASN A 38 -21.60 23.36 -2.60
CA ASN A 38 -22.83 23.50 -3.34
C ASN A 38 -22.68 23.28 -4.84
N SER A 39 -21.45 23.33 -5.38
CA SER A 39 -21.32 23.08 -6.82
C SER A 39 -21.33 21.57 -7.14
N ILE A 40 -20.80 20.78 -6.22
CA ILE A 40 -20.96 19.31 -6.26
C ILE A 40 -22.43 18.96 -6.06
N MET A 41 -23.11 19.64 -5.13
CA MET A 41 -24.54 19.43 -4.92
C MET A 41 -25.32 19.71 -6.19
N ASP A 42 -24.92 20.76 -6.90
CA ASP A 42 -25.65 21.20 -8.10
C ASP A 42 -25.57 20.12 -9.17
N ALA A 43 -24.40 19.50 -9.27
CA ALA A 43 -24.18 18.42 -10.23
C ALA A 43 -24.95 17.15 -9.84
N LEU A 44 -24.96 16.83 -8.54
CA LEU A 44 -25.77 15.73 -8.01
C LEU A 44 -27.25 15.88 -8.30
N SER A 45 -27.74 17.11 -8.11
CA SER A 45 -29.13 17.46 -8.36
C SER A 45 -29.56 17.13 -9.80
N ALA A 46 -28.72 17.45 -10.79
CA ALA A 46 -29.02 17.14 -12.20
C ALA A 46 -28.99 15.62 -12.48
N GLU A 47 -28.30 14.87 -11.61
CA GLU A 47 -28.05 13.45 -11.85
C GLU A 47 -28.87 12.53 -10.94
N ARG A 48 -29.90 13.08 -10.32
CA ARG A 48 -30.63 12.35 -9.28
C ARG A 48 -31.37 11.09 -9.78
N ASP A 49 -31.59 10.98 -11.10
CA ASP A 49 -32.14 9.76 -11.70
C ASP A 49 -31.16 8.56 -11.80
N ARG A 50 -29.86 8.84 -11.79
CA ARG A 50 -28.81 7.82 -11.98
C ARG A 50 -27.94 7.56 -10.73
N ILE A 51 -27.83 8.54 -9.85
CA ILE A 51 -27.04 8.38 -8.62
C ILE A 51 -27.82 8.99 -7.46
N HIS A 52 -27.78 8.33 -6.30
CA HIS A 52 -28.73 8.63 -5.21
C HIS A 52 -28.09 9.18 -3.97
N TYR A 53 -28.33 10.47 -3.78
CA TYR A 53 -27.83 11.20 -2.62
C TYR A 53 -28.69 10.92 -1.39
N ILE A 54 -28.00 10.49 -0.33
CA ILE A 54 -28.58 10.24 0.98
C ILE A 54 -28.12 11.34 1.95
N GLN A 55 -29.07 12.20 2.32
CA GLN A 55 -28.78 13.27 3.28
C GLN A 55 -28.88 12.74 4.70
N VAL A 56 -27.75 12.73 5.40
CA VAL A 56 -27.70 12.26 6.78
C VAL A 56 -27.86 13.46 7.72
N ARG A 57 -28.02 13.20 9.02
CA ARG A 57 -28.21 14.29 9.99
C ARG A 57 -26.90 14.67 10.71
N HIS A 58 -25.86 13.86 10.52
CA HIS A 58 -24.52 14.19 11.07
C HIS A 58 -23.56 13.50 10.13
N GLU A 59 -22.52 14.22 9.71
CA GLU A 59 -21.60 13.67 8.69
C GLU A 59 -20.83 12.42 9.11
N GLU A 60 -20.63 12.19 10.41
CA GLU A 60 -19.99 10.93 10.81
C GLU A 60 -20.79 9.72 10.39
N VAL A 61 -22.12 9.84 10.40
CA VAL A 61 -23.01 8.75 9.99
C VAL A 61 -22.85 8.49 8.48
N GLY A 62 -22.70 9.56 7.72
CA GLY A 62 -22.40 9.43 6.29
C GLY A 62 -21.09 8.70 6.04
N ALA A 63 -20.02 9.09 6.73
CA ALA A 63 -18.72 8.37 6.65
C ALA A 63 -18.79 6.90 7.11
N MET A 64 -19.47 6.65 8.24
CA MET A 64 -19.63 5.28 8.75
C MET A 64 -20.47 4.41 7.80
N ALA A 65 -21.53 4.98 7.24
CA ALA A 65 -22.33 4.26 6.24
C ALA A 65 -21.54 3.96 4.95
N ALA A 66 -20.69 4.90 4.53
CA ALA A 66 -19.82 4.66 3.38
C ALA A 66 -18.88 3.48 3.63
N ALA A 67 -18.29 3.45 4.83
CA ALA A 67 -17.42 2.34 5.23
C ALA A 67 -18.19 1.02 5.20
N ALA A 68 -19.39 1.01 5.77
CA ALA A 68 -20.25 -0.16 5.83
C ALA A 68 -20.71 -0.64 4.44
N ASP A 69 -21.06 0.30 3.54
CA ASP A 69 -21.28 -0.05 2.12
C ASP A 69 -20.16 -0.95 1.59
N ALA A 70 -18.92 -0.50 1.76
CA ALA A 70 -17.75 -1.23 1.28
C ALA A 70 -17.54 -2.56 2.04
N LYS A 71 -17.77 -2.57 3.36
CA LYS A 71 -17.70 -3.85 4.13
C LYS A 71 -18.67 -4.87 3.58
N LEU A 72 -19.87 -4.40 3.22
CA LEU A 72 -20.96 -5.29 2.79
C LEU A 72 -20.82 -5.77 1.35
N THR A 73 -20.49 -4.86 0.43
CA THR A 73 -20.53 -5.17 -1.01
C THR A 73 -19.15 -5.28 -1.68
N GLY A 74 -18.12 -4.74 -1.06
CA GLY A 74 -16.79 -4.66 -1.68
C GLY A 74 -16.68 -3.49 -2.65
N LYS A 75 -17.76 -2.72 -2.81
CA LYS A 75 -17.78 -1.56 -3.71
C LYS A 75 -17.45 -0.30 -2.91
N ILE A 76 -16.63 0.57 -3.49
CA ILE A 76 -16.23 1.81 -2.80
C ILE A 76 -17.44 2.59 -2.21
N GLY A 77 -17.33 2.97 -0.93
CA GLY A 77 -18.33 3.83 -0.32
C GLY A 77 -17.94 5.27 -0.59
N VAL A 78 -18.93 6.16 -0.61
CA VAL A 78 -18.67 7.55 -0.97
C VAL A 78 -19.39 8.48 0.00
N CYS A 79 -18.66 9.46 0.55
CA CYS A 79 -19.27 10.41 1.47
C CYS A 79 -18.64 11.76 1.22
N PHE A 80 -19.22 12.78 1.82
CA PHE A 80 -18.68 14.14 1.73
C PHE A 80 -19.09 14.97 2.94
N GLY A 81 -18.33 16.04 3.17
CA GLY A 81 -18.64 16.98 4.22
C GLY A 81 -18.18 18.34 3.71
N SER A 82 -18.91 19.39 4.10
CA SER A 82 -18.55 20.77 3.75
C SER A 82 -17.22 21.21 4.43
N ALA A 83 -16.69 22.33 3.98
CA ALA A 83 -15.40 22.82 4.44
C ALA A 83 -15.35 22.94 5.96
N GLY A 84 -14.20 22.66 6.56
CA GLY A 84 -14.09 22.78 8.02
C GLY A 84 -14.84 21.69 8.75
N PRO A 85 -15.85 22.07 9.57
CA PRO A 85 -16.57 21.14 10.46
C PRO A 85 -17.32 20.00 9.75
N GLY A 86 -17.75 20.17 8.51
CA GLY A 86 -18.39 19.06 7.79
C GLY A 86 -17.43 17.89 7.59
N GLY A 87 -16.26 18.20 7.05
CA GLY A 87 -15.23 17.20 6.83
C GLY A 87 -14.68 16.60 8.11
N THR A 88 -14.46 17.42 9.13
CA THR A 88 -13.87 16.92 10.39
C THR A 88 -14.84 15.96 11.07
N HIS A 89 -16.15 16.18 10.88
CA HIS A 89 -17.14 15.24 11.40
C HIS A 89 -17.04 13.85 10.74
N LEU A 90 -16.42 13.75 9.57
CA LEU A 90 -16.27 12.45 8.87
C LEU A 90 -15.31 11.50 9.60
N MET A 91 -14.43 12.05 10.42
CA MET A 91 -13.23 11.33 10.89
C MET A 91 -13.45 9.94 11.44
N ASN A 92 -14.48 9.74 12.28
CA ASN A 92 -14.66 8.42 12.90
C ASN A 92 -15.03 7.34 11.91
N GLY A 93 -15.76 7.70 10.86
CA GLY A 93 -16.05 6.74 9.78
C GLY A 93 -14.82 6.52 8.88
N LEU A 94 -14.02 7.56 8.67
CA LEU A 94 -12.82 7.43 7.81
C LEU A 94 -11.79 6.56 8.50
N TYR A 95 -11.60 6.77 9.80
CA TYR A 95 -10.67 5.93 10.57
C TYR A 95 -11.17 4.49 10.60
N ASP A 96 -12.49 4.33 10.69
CA ASP A 96 -13.09 3.00 10.64
C ASP A 96 -12.75 2.34 9.30
N ALA A 97 -12.90 3.07 8.20
CA ALA A 97 -12.55 2.52 6.88
C ALA A 97 -11.07 2.20 6.78
N ARG A 98 -10.19 3.04 7.34
CA ARG A 98 -8.76 2.76 7.24
C ARG A 98 -8.45 1.49 8.02
N GLU A 99 -8.89 1.44 9.28
CA GLU A 99 -8.53 0.30 10.15
C GLU A 99 -9.16 -1.01 9.69
N ASP A 100 -10.38 -0.93 9.15
CA ASP A 100 -11.05 -2.11 8.58
C ASP A 100 -10.70 -2.32 7.10
N HIS A 101 -9.77 -1.52 6.60
CA HIS A 101 -9.21 -1.67 5.26
C HIS A 101 -10.26 -1.87 4.17
N VAL A 102 -11.19 -0.93 4.08
CA VAL A 102 -12.18 -0.94 3.01
C VAL A 102 -12.12 0.38 2.24
N PRO A 103 -12.39 0.33 0.92
CA PRO A 103 -12.28 1.53 0.07
C PRO A 103 -13.41 2.53 0.29
N VAL A 104 -13.03 3.77 0.57
CA VAL A 104 -13.97 4.86 0.77
C VAL A 104 -13.37 6.08 0.09
N LEU A 105 -14.21 6.80 -0.65
CA LEU A 105 -13.87 8.12 -1.21
C LEU A 105 -14.60 9.16 -0.36
N ALA A 106 -13.86 10.17 0.09
CA ALA A 106 -14.45 11.31 0.87
C ALA A 106 -14.18 12.58 0.10
N LEU A 107 -15.22 13.33 -0.20
CA LEU A 107 -15.01 14.61 -0.85
C LEU A 107 -15.17 15.69 0.21
N ILE A 108 -14.24 16.64 0.28
CA ILE A 108 -14.30 17.70 1.27
C ILE A 108 -14.48 19.07 0.59
N GLY A 109 -15.49 19.83 1.04
CA GLY A 109 -15.69 21.19 0.55
C GLY A 109 -14.48 22.05 0.85
N GLN A 110 -14.26 23.07 0.02
CA GLN A 110 -13.25 24.08 0.29
C GLN A 110 -13.69 25.37 -0.36
N PHE A 111 -13.31 26.52 0.23
CA PHE A 111 -13.54 27.85 -0.38
C PHE A 111 -12.96 27.90 -1.80
N GLY A 112 -13.54 28.74 -2.66
CA GLY A 112 -13.03 28.91 -4.02
C GLY A 112 -11.55 29.30 -4.03
N THR A 113 -10.86 28.94 -5.12
CA THR A 113 -9.43 29.22 -5.27
C THR A 113 -9.10 30.72 -5.15
N THR A 114 -10.07 31.59 -5.47
CA THR A 114 -9.85 33.04 -5.33
C THR A 114 -9.84 33.49 -3.86
N GLY A 115 -10.33 32.66 -2.94
CA GLY A 115 -10.37 33.05 -1.53
C GLY A 115 -9.54 32.19 -0.60
N MET A 116 -9.04 31.06 -1.10
CA MET A 116 -8.13 30.21 -0.34
C MET A 116 -6.88 30.99 0.10
N ASN A 117 -6.42 30.71 1.32
CA ASN A 117 -5.26 31.39 1.92
C ASN A 117 -5.47 32.89 2.21
N MET A 118 -6.73 33.34 2.23
CA MET A 118 -7.04 34.73 2.61
C MET A 118 -7.50 34.80 4.06
N ASP A 119 -7.59 33.64 4.71
CA ASP A 119 -8.10 33.51 6.09
C ASP A 119 -9.51 34.08 6.13
N THR A 120 -10.36 33.54 5.26
CA THR A 120 -11.75 33.95 5.20
C THR A 120 -12.59 32.96 6.00
N PHE A 121 -13.92 33.09 5.94
CA PHE A 121 -14.85 32.33 6.76
C PHE A 121 -14.76 30.83 6.51
N GLN A 122 -14.60 30.05 7.59
CA GLN A 122 -14.46 28.58 7.49
C GLN A 122 -13.38 28.15 6.48
N GLU A 123 -12.37 28.98 6.30
CA GLU A 123 -11.35 28.70 5.29
C GLU A 123 -10.01 28.45 5.99
N MET A 124 -9.40 27.31 5.67
CA MET A 124 -8.14 26.90 6.29
C MET A 124 -7.46 25.97 5.32
N ASN A 125 -6.18 25.71 5.55
CA ASN A 125 -5.49 24.67 4.82
C ASN A 125 -6.04 23.32 5.31
N GLU A 126 -6.87 22.69 4.48
CA GLU A 126 -7.55 21.43 4.89
C GLU A 126 -6.73 20.16 4.61
N ASN A 127 -5.68 20.28 3.80
CA ASN A 127 -4.91 19.07 3.44
C ASN A 127 -4.29 18.33 4.66
N PRO A 128 -3.68 19.06 5.62
CA PRO A 128 -3.05 18.38 6.77
C PRO A 128 -4.05 17.64 7.67
N ILE A 129 -5.30 18.03 7.60
CA ILE A 129 -6.34 17.42 8.44
C ILE A 129 -6.46 15.91 8.11
N TYR A 130 -6.34 15.57 6.82
CA TYR A 130 -6.65 14.23 6.34
C TYR A 130 -5.41 13.40 6.05
N ALA A 131 -4.24 13.96 6.35
CA ALA A 131 -2.97 13.32 5.93
C ALA A 131 -2.75 11.99 6.60
N ASP A 132 -3.17 11.86 7.86
CA ASP A 132 -2.95 10.61 8.60
C ASP A 132 -3.91 9.48 8.20
N VAL A 133 -5.18 9.79 7.99
CA VAL A 133 -6.18 8.75 7.76
C VAL A 133 -6.10 8.23 6.32
N ALA A 134 -5.59 9.06 5.41
CA ALA A 134 -5.81 8.82 3.98
C ALA A 134 -4.63 8.15 3.29
N ASP A 135 -4.96 7.20 2.42
CA ASP A 135 -4.00 6.60 1.50
C ASP A 135 -3.66 7.62 0.39
N TYR A 136 -4.65 8.42 -0.01
CA TYR A 136 -4.47 9.43 -1.04
C TYR A 136 -5.17 10.67 -0.52
N ASN A 137 -4.50 11.81 -0.59
CA ASN A 137 -4.98 13.02 0.08
C ASN A 137 -4.56 14.28 -0.65
N VAL A 138 -5.44 14.83 -1.49
CA VAL A 138 -5.04 15.95 -2.35
C VAL A 138 -6.10 17.07 -2.39
N THR A 139 -5.61 18.31 -2.54
CA THR A 139 -6.45 19.44 -2.84
C THR A 139 -6.41 19.66 -4.35
N ALA A 140 -7.57 19.58 -4.99
CA ALA A 140 -7.68 19.83 -6.41
C ALA A 140 -7.49 21.33 -6.67
N VAL A 141 -6.81 21.67 -7.76
CA VAL A 141 -6.51 23.09 -8.06
C VAL A 141 -6.84 23.48 -9.51
N ASN A 142 -7.45 22.56 -10.25
CA ASN A 142 -7.72 22.78 -11.67
C ASN A 142 -9.02 22.04 -12.01
N ALA A 143 -9.86 22.65 -12.85
CA ALA A 143 -11.15 22.04 -13.21
C ALA A 143 -11.02 20.91 -14.24
N ALA A 144 -10.18 21.13 -15.24
CA ALA A 144 -9.98 20.16 -16.32
C ALA A 144 -9.40 18.82 -15.84
N THR A 145 -8.59 18.85 -14.80
CA THR A 145 -8.00 17.61 -14.26
C THR A 145 -8.85 17.02 -13.13
N LEU A 146 -9.91 17.72 -12.73
CA LEU A 146 -10.67 17.26 -11.57
C LEU A 146 -11.28 15.85 -11.77
N PRO A 147 -11.89 15.57 -12.94
CA PRO A 147 -12.35 14.20 -13.16
C PRO A 147 -11.26 13.15 -13.00
N HIS A 148 -10.06 13.43 -13.50
CA HIS A 148 -8.92 12.51 -13.33
C HIS A 148 -8.55 12.31 -11.86
N VAL A 149 -8.54 13.40 -11.09
CA VAL A 149 -8.18 13.31 -9.68
C VAL A 149 -9.19 12.44 -8.92
N ILE A 150 -10.47 12.59 -9.26
CA ILE A 150 -11.50 11.74 -8.65
C ILE A 150 -11.33 10.26 -9.08
N ASP A 151 -11.10 10.07 -10.38
CA ASP A 151 -10.80 8.75 -10.92
C ASP A 151 -9.61 8.11 -10.23
N GLU A 152 -8.53 8.89 -10.08
CA GLU A 152 -7.31 8.45 -9.37
C GLU A 152 -7.60 8.04 -7.91
N ALA A 153 -8.38 8.87 -7.23
CA ALA A 153 -8.78 8.64 -5.85
C ALA A 153 -9.49 7.28 -5.67
N ILE A 154 -10.45 7.03 -6.54
CA ILE A 154 -11.21 5.77 -6.51
C ILE A 154 -10.31 4.56 -6.82
N ARG A 155 -9.52 4.63 -7.90
CA ARG A 155 -8.65 3.52 -8.29
C ARG A 155 -7.62 3.17 -7.18
N ARG A 156 -7.07 4.20 -6.53
CA ARG A 156 -6.19 4.00 -5.38
C ARG A 156 -6.91 3.44 -4.15
N ALA A 157 -8.08 3.97 -3.83
CA ALA A 157 -8.81 3.49 -2.64
C ALA A 157 -9.08 2.00 -2.75
N TYR A 158 -9.48 1.57 -3.94
CA TYR A 158 -9.68 0.14 -4.24
C TYR A 158 -8.38 -0.67 -4.16
N ALA A 159 -7.36 -0.26 -4.92
CA ALA A 159 -6.11 -1.00 -4.99
C ALA A 159 -5.44 -1.11 -3.62
N HIS A 160 -5.59 -0.05 -2.83
CA HIS A 160 -4.89 0.02 -1.55
C HIS A 160 -5.80 -0.27 -0.36
N GLN A 161 -7.06 -0.60 -0.64
CA GLN A 161 -8.05 -0.90 0.37
C GLN A 161 -8.05 0.12 1.53
N GLY A 162 -8.28 1.37 1.18
CA GLY A 162 -8.22 2.42 2.18
C GLY A 162 -8.96 3.67 1.75
N VAL A 163 -8.68 4.79 2.42
CA VAL A 163 -9.43 6.02 2.25
C VAL A 163 -8.71 6.96 1.29
N ALA A 164 -9.46 7.49 0.32
CA ALA A 164 -8.97 8.55 -0.54
C ALA A 164 -9.80 9.79 -0.27
N VAL A 165 -9.10 10.91 -0.04
CA VAL A 165 -9.77 12.17 0.30
C VAL A 165 -9.39 13.20 -0.75
N VAL A 166 -10.39 13.93 -1.28
CA VAL A 166 -10.12 15.02 -2.22
C VAL A 166 -10.81 16.26 -1.69
N GLN A 167 -10.02 17.33 -1.46
CA GLN A 167 -10.57 18.64 -1.06
C GLN A 167 -10.83 19.41 -2.35
N ILE A 168 -12.05 19.92 -2.53
CA ILE A 168 -12.43 20.54 -3.79
C ILE A 168 -12.86 21.99 -3.59
N PRO A 169 -12.02 22.94 -4.02
CA PRO A 169 -12.43 24.35 -4.02
C PRO A 169 -13.72 24.50 -4.82
N VAL A 170 -14.69 25.18 -4.23
CA VAL A 170 -16.07 25.18 -4.73
C VAL A 170 -16.23 25.79 -6.14
N ASP A 171 -15.30 26.66 -6.54
CA ASP A 171 -15.36 27.21 -7.90
C ASP A 171 -15.14 26.16 -9.01
N LEU A 172 -14.32 25.15 -8.74
CA LEU A 172 -13.86 24.26 -9.81
C LEU A 172 -14.99 23.48 -10.50
N PRO A 173 -15.93 22.89 -9.71
CA PRO A 173 -17.02 22.15 -10.37
C PRO A 173 -18.03 22.98 -11.17
N TRP A 174 -18.03 24.31 -11.01
CA TRP A 174 -18.87 25.17 -11.88
C TRP A 174 -18.12 25.68 -13.12
N GLN A 175 -16.88 25.27 -13.30
CA GLN A 175 -16.15 25.67 -14.51
C GLN A 175 -16.40 24.69 -15.68
N GLN A 176 -16.51 25.24 -16.88
CA GLN A 176 -16.64 24.44 -18.10
C GLN A 176 -15.32 23.82 -18.49
N ILE A 177 -15.35 22.55 -18.88
CA ILE A 177 -14.14 21.86 -19.36
C ILE A 177 -14.51 21.18 -20.68
N PRO A 178 -13.51 20.82 -21.52
CA PRO A 178 -13.89 20.16 -22.77
C PRO A 178 -14.65 18.84 -22.53
N ALA A 179 -15.73 18.64 -23.28
CA ALA A 179 -16.59 17.48 -23.06
C ALA A 179 -15.90 16.15 -23.40
N GLU A 180 -14.84 16.21 -24.19
CA GLU A 180 -14.30 15.01 -24.83
C GLU A 180 -12.97 14.51 -24.25
N ASP A 181 -12.37 15.26 -23.33
CA ASP A 181 -11.05 14.89 -22.79
C ASP A 181 -11.05 13.97 -21.56
N TRP A 182 -12.04 14.15 -20.68
CA TRP A 182 -12.12 13.42 -19.42
C TRP A 182 -12.57 11.97 -19.68
N TYR A 183 -12.14 11.07 -18.80
CA TYR A 183 -12.61 9.67 -18.85
C TYR A 183 -12.55 9.10 -17.44
N ALA A 184 -13.18 7.93 -17.26
CA ALA A 184 -13.06 7.13 -16.06
C ALA A 184 -12.31 5.86 -16.43
N SER A 185 -11.52 5.33 -15.49
CA SER A 185 -10.80 4.08 -15.72
C SER A 185 -11.54 2.88 -15.11
N ALA A 186 -12.80 3.07 -14.73
CA ALA A 186 -13.63 1.99 -14.19
C ALA A 186 -13.65 0.76 -15.11
N ASN A 187 -13.71 1.01 -16.42
CA ASN A 187 -13.69 -0.06 -17.42
C ASN A 187 -12.46 -0.98 -17.33
N SER A 188 -11.35 -0.44 -16.81
CA SER A 188 -10.08 -1.17 -16.72
C SER A 188 -9.89 -1.81 -15.35
N TYR A 189 -10.77 -1.54 -14.40
CA TYR A 189 -10.66 -2.08 -13.04
C TYR A 189 -10.50 -3.61 -12.98
N GLN A 190 -9.63 -4.08 -12.08
CA GLN A 190 -9.54 -5.51 -11.74
C GLN A 190 -9.19 -5.62 -10.25
N THR A 191 -9.55 -6.73 -9.64
CA THR A 191 -9.17 -6.99 -8.25
C THR A 191 -7.78 -7.64 -8.25
N PRO A 192 -7.03 -7.48 -7.13
CA PRO A 192 -5.67 -8.03 -7.12
C PRO A 192 -5.61 -9.54 -7.44
N LEU A 193 -4.55 -9.96 -8.13
CA LEU A 193 -4.32 -11.38 -8.44
C LEU A 193 -4.27 -12.26 -7.17
N LEU A 194 -4.85 -13.46 -7.25
CA LEU A 194 -4.84 -14.39 -6.10
C LEU A 194 -3.68 -15.36 -6.22
N PRO A 195 -2.65 -15.21 -5.36
CA PRO A 195 -1.47 -16.08 -5.45
C PRO A 195 -1.79 -17.53 -5.05
N GLU A 196 -1.01 -18.45 -5.62
CA GLU A 196 -1.27 -19.88 -5.53
C GLU A 196 -0.34 -20.50 -4.48
N PRO A 197 -0.80 -21.55 -3.78
CA PRO A 197 0.07 -22.21 -2.80
C PRO A 197 1.13 -23.06 -3.45
N ASP A 198 2.36 -22.96 -2.93
CA ASP A 198 3.45 -23.85 -3.32
C ASP A 198 3.09 -25.27 -2.89
N VAL A 199 3.13 -26.21 -3.82
CA VAL A 199 2.72 -27.60 -3.50
C VAL A 199 3.57 -28.27 -2.39
N GLN A 200 4.89 -28.09 -2.43
CA GLN A 200 5.77 -28.67 -1.43
C GLN A 200 5.51 -28.05 -0.04
N ALA A 201 5.30 -26.73 0.00
CA ALA A 201 5.00 -26.07 1.27
C ALA A 201 3.70 -26.57 1.87
N VAL A 202 2.66 -26.71 1.05
CA VAL A 202 1.37 -27.23 1.51
C VAL A 202 1.52 -28.64 2.05
N THR A 203 2.33 -29.45 1.37
CA THR A 203 2.62 -30.81 1.83
C THR A 203 3.29 -30.81 3.21
N ARG A 204 4.31 -29.97 3.39
CA ARG A 204 4.99 -29.81 4.68
C ARG A 204 4.02 -29.31 5.76
N LEU A 205 3.20 -28.33 5.41
CA LEU A 205 2.19 -27.81 6.33
C LEU A 205 1.23 -28.93 6.76
N THR A 206 0.73 -29.69 5.78
CA THR A 206 -0.22 -30.78 6.05
C THR A 206 0.40 -31.83 7.00
N GLN A 207 1.67 -32.16 6.77
CA GLN A 207 2.30 -33.16 7.61
C GLN A 207 2.49 -32.69 9.05
N THR A 208 2.84 -31.41 9.23
CA THR A 208 2.97 -30.86 10.58
C THR A 208 1.61 -30.84 11.30
N LEU A 209 0.58 -30.44 10.55
CA LEU A 209 -0.77 -30.41 11.09
C LEU A 209 -1.25 -31.81 11.50
N LEU A 210 -0.97 -32.81 10.66
CA LEU A 210 -1.38 -34.19 10.96
C LEU A 210 -0.58 -34.85 12.11
N ALA A 211 0.66 -34.43 12.28
CA ALA A 211 1.50 -34.94 13.37
C ALA A 211 1.14 -34.33 14.74
N ALA A 212 0.43 -33.20 14.76
CA ALA A 212 0.01 -32.53 16.01
C ALA A 212 -0.80 -33.43 16.94
N GLU A 213 -0.55 -33.29 18.24
CA GLU A 213 -1.37 -33.98 19.25
C GLU A 213 -2.61 -33.17 19.59
N ARG A 214 -2.48 -31.84 19.55
CA ARG A 214 -3.60 -30.96 19.92
C ARG A 214 -3.76 -29.83 18.88
N PRO A 215 -4.14 -30.17 17.63
CA PRO A 215 -4.22 -29.17 16.54
C PRO A 215 -5.45 -28.24 16.67
N LEU A 216 -5.30 -27.01 16.18
CA LEU A 216 -6.47 -26.11 15.97
C LEU A 216 -6.33 -25.40 14.65
N ILE A 217 -7.46 -25.15 13.99
CA ILE A 217 -7.46 -24.31 12.79
C ILE A 217 -8.09 -23.01 13.25
N TYR A 218 -7.34 -21.92 13.13
CA TYR A 218 -7.76 -20.61 13.68
C TYR A 218 -7.83 -19.60 12.52
N TYR A 219 -9.03 -19.28 12.05
CA TYR A 219 -9.16 -18.48 10.82
C TYR A 219 -9.81 -17.13 11.09
N GLY A 220 -9.56 -16.17 10.19
CA GLY A 220 -10.23 -14.89 10.23
C GLY A 220 -10.96 -14.66 8.92
N ILE A 221 -11.33 -13.40 8.69
CA ILE A 221 -12.16 -13.07 7.55
C ILE A 221 -11.43 -13.22 6.22
N GLY A 222 -10.12 -13.36 6.26
CA GLY A 222 -9.41 -13.73 5.04
C GLY A 222 -9.83 -15.07 4.46
N ALA A 223 -10.44 -15.91 5.30
CA ALA A 223 -10.97 -17.20 4.87
C ALA A 223 -12.48 -17.18 4.56
N ARG A 224 -13.05 -15.98 4.36
CA ARG A 224 -14.50 -15.86 4.13
C ARG A 224 -15.02 -16.62 2.89
N LYS A 225 -14.14 -16.90 1.93
CA LYS A 225 -14.54 -17.71 0.76
C LYS A 225 -14.34 -19.22 0.98
N ALA A 226 -13.85 -19.60 2.16
CA ALA A 226 -13.42 -20.99 2.37
C ALA A 226 -14.15 -21.74 3.49
N GLY A 227 -15.38 -21.31 3.79
CA GLY A 227 -16.18 -21.98 4.81
C GLY A 227 -16.40 -23.47 4.60
N LYS A 228 -16.66 -23.87 3.36
CA LYS A 228 -16.86 -25.29 3.03
C LYS A 228 -15.58 -26.08 3.34
N GLU A 229 -14.43 -25.58 2.86
CA GLU A 229 -13.15 -26.24 3.08
C GLU A 229 -12.79 -26.31 4.57
N LEU A 230 -13.03 -25.21 5.31
CA LEU A 230 -12.75 -25.21 6.78
C LEU A 230 -13.58 -26.25 7.50
N GLU A 231 -14.89 -26.29 7.23
CA GLU A 231 -15.74 -27.26 7.90
C GLU A 231 -15.38 -28.69 7.48
N GLN A 232 -15.05 -28.90 6.21
CA GLN A 232 -14.72 -30.25 5.75
C GLN A 232 -13.37 -30.74 6.27
N LEU A 233 -12.36 -29.86 6.27
CA LEU A 233 -11.08 -30.18 6.93
C LEU A 233 -11.25 -30.56 8.38
N SER A 234 -12.08 -29.79 9.10
CA SER A 234 -12.38 -30.07 10.52
C SER A 234 -13.02 -31.44 10.71
N LYS A 235 -14.06 -31.74 9.94
CA LYS A 235 -14.74 -33.03 10.04
C LYS A 235 -13.82 -34.19 9.67
N THR A 236 -13.12 -34.06 8.55
CA THR A 236 -12.25 -35.12 8.02
C THR A 236 -11.08 -35.42 8.93
N LEU A 237 -10.44 -34.37 9.42
CA LEU A 237 -9.22 -34.55 10.20
C LEU A 237 -9.45 -34.64 11.70
N LYS A 238 -10.69 -34.37 12.11
CA LYS A 238 -11.03 -34.31 13.55
C LYS A 238 -10.24 -33.20 14.26
N ILE A 239 -10.24 -32.00 13.65
CA ILE A 239 -9.53 -30.83 14.21
C ILE A 239 -10.54 -29.73 14.52
N PRO A 240 -10.63 -29.30 15.81
CA PRO A 240 -11.56 -28.21 16.14
C PRO A 240 -11.26 -26.90 15.41
N LEU A 241 -12.30 -26.09 15.25
CA LEU A 241 -12.21 -24.80 14.58
C LEU A 241 -12.39 -23.66 15.56
N MET A 242 -11.64 -22.58 15.37
CA MET A 242 -11.91 -21.34 16.11
C MET A 242 -11.65 -20.19 15.15
N SER A 243 -12.18 -19.02 15.48
CA SER A 243 -12.13 -17.91 14.54
C SER A 243 -11.92 -16.61 15.29
N THR A 244 -11.60 -15.56 14.55
CA THR A 244 -11.71 -14.21 15.10
C THR A 244 -13.19 -13.93 15.23
N TYR A 245 -13.56 -12.98 16.08
CA TYR A 245 -14.95 -12.58 16.21
C TYR A 245 -15.60 -12.20 14.85
N PRO A 246 -14.97 -11.30 14.07
CA PRO A 246 -15.58 -10.96 12.78
C PRO A 246 -15.81 -12.16 11.82
N ALA A 247 -15.03 -13.23 11.98
CA ALA A 247 -15.17 -14.45 11.16
C ALA A 247 -16.30 -15.40 11.61
N LYS A 248 -17.00 -15.03 12.70
CA LYS A 248 -18.21 -15.75 13.10
C LYS A 248 -19.16 -15.81 11.89
N GLY A 249 -19.75 -16.98 11.64
CA GLY A 249 -20.73 -17.14 10.56
C GLY A 249 -20.16 -17.68 9.24
N ILE A 250 -18.85 -17.56 9.04
CA ILE A 250 -18.18 -18.21 7.88
C ILE A 250 -18.41 -19.74 7.86
N VAL A 251 -18.31 -20.35 9.05
CA VAL A 251 -18.80 -21.71 9.32
C VAL A 251 -20.03 -21.50 10.21
N ALA A 252 -21.11 -22.21 9.92
CA ALA A 252 -22.32 -22.10 10.73
C ALA A 252 -22.01 -22.28 12.22
N ASP A 253 -22.61 -21.42 13.04
CA ASP A 253 -22.46 -21.54 14.50
C ASP A 253 -22.87 -22.91 15.04
N ARG A 254 -23.80 -23.58 14.36
CA ARG A 254 -24.27 -24.89 14.83
C ARG A 254 -23.26 -26.02 14.65
N TYR A 255 -22.23 -25.82 13.83
CA TYR A 255 -21.19 -26.83 13.66
C TYR A 255 -20.59 -27.22 15.03
N PRO A 256 -20.70 -28.51 15.43
CA PRO A 256 -20.35 -28.89 16.81
C PRO A 256 -18.89 -28.78 17.22
N ALA A 257 -17.95 -28.68 16.27
CA ALA A 257 -16.56 -28.41 16.62
C ALA A 257 -16.09 -26.96 16.36
N TYR A 258 -17.06 -26.05 16.21
CA TYR A 258 -16.76 -24.61 16.25
C TYR A 258 -16.68 -24.11 17.70
N LEU A 259 -15.47 -23.69 18.10
CA LEU A 259 -15.18 -23.27 19.49
C LEU A 259 -15.56 -21.82 19.83
N GLY A 260 -15.66 -20.98 18.80
CA GLY A 260 -15.92 -19.56 18.99
C GLY A 260 -14.63 -18.80 18.79
N SER A 261 -14.56 -17.61 19.40
CA SER A 261 -13.44 -16.70 19.26
C SER A 261 -12.69 -16.60 20.60
N ALA A 262 -11.44 -16.12 20.58
CA ALA A 262 -10.65 -15.98 21.79
C ALA A 262 -10.60 -14.55 22.34
N ASN A 263 -9.98 -14.41 23.52
CA ASN A 263 -9.86 -13.15 24.28
C ASN A 263 -11.13 -12.78 25.05
N ARG A 264 -11.79 -11.69 24.66
CA ARG A 264 -12.88 -11.12 25.44
C ARG A 264 -14.24 -11.14 24.72
N VAL A 265 -14.27 -10.69 23.45
CA VAL A 265 -15.43 -10.95 22.58
C VAL A 265 -15.16 -12.36 22.10
N ALA A 266 -15.57 -13.30 22.95
CA ALA A 266 -14.98 -14.61 22.96
C ALA A 266 -15.91 -15.64 23.58
N GLN A 267 -15.58 -16.89 23.32
CA GLN A 267 -16.34 -18.00 23.84
C GLN A 267 -15.39 -18.89 24.62
N LYS A 268 -15.87 -19.38 25.75
CA LYS A 268 -15.05 -20.17 26.66
C LYS A 268 -14.24 -21.30 26.01
N PRO A 269 -14.88 -22.15 25.13
CA PRO A 269 -14.10 -23.26 24.56
C PRO A 269 -12.89 -22.84 23.71
N ALA A 270 -12.99 -21.69 23.03
CA ALA A 270 -11.87 -21.19 22.20
C ALA A 270 -10.67 -20.77 23.07
N ASN A 271 -10.95 -20.04 24.16
CA ASN A 271 -9.86 -19.63 25.05
C ASN A 271 -9.16 -20.84 25.68
N GLU A 272 -9.96 -21.81 26.11
CA GLU A 272 -9.41 -22.98 26.79
C GLU A 272 -8.59 -23.84 25.84
N ALA A 273 -9.12 -24.10 24.64
CA ALA A 273 -8.44 -24.96 23.68
C ALA A 273 -7.12 -24.34 23.22
N LEU A 274 -7.16 -23.03 22.94
CA LEU A 274 -5.96 -22.32 22.42
C LEU A 274 -4.78 -22.42 23.41
N ALA A 275 -5.08 -22.31 24.69
CA ALA A 275 -4.04 -22.43 25.73
C ALA A 275 -3.35 -23.81 25.73
N GLN A 276 -4.07 -24.83 25.26
CA GLN A 276 -3.56 -26.22 25.22
C GLN A 276 -2.99 -26.66 23.87
N ALA A 277 -3.27 -25.93 22.79
CA ALA A 277 -2.91 -26.40 21.46
C ALA A 277 -1.40 -26.50 21.25
N ASP A 278 -0.94 -27.55 20.57
CA ASP A 278 0.47 -27.62 20.19
C ASP A 278 0.78 -27.07 18.78
N VAL A 279 -0.22 -27.10 17.90
CA VAL A 279 -0.06 -26.65 16.52
C VAL A 279 -1.29 -25.81 16.14
N VAL A 280 -1.04 -24.60 15.62
CA VAL A 280 -2.12 -23.72 15.15
C VAL A 280 -1.94 -23.46 13.65
N LEU A 281 -2.98 -23.75 12.87
CA LEU A 281 -3.06 -23.29 11.50
C LEU A 281 -3.81 -21.95 11.51
N PHE A 282 -3.06 -20.88 11.27
CA PHE A 282 -3.50 -19.51 11.41
C PHE A 282 -3.73 -19.02 9.99
N VAL A 283 -5.00 -18.87 9.60
CA VAL A 283 -5.35 -18.63 8.18
C VAL A 283 -6.26 -17.40 7.97
N GLY A 284 -5.79 -16.48 7.14
CA GLY A 284 -6.55 -15.28 6.79
C GLY A 284 -6.89 -14.52 8.06
N ASN A 285 -5.89 -14.37 8.91
CA ASN A 285 -6.10 -13.98 10.31
C ASN A 285 -5.08 -12.93 10.73
N ASN A 286 -5.58 -11.80 11.27
CA ASN A 286 -4.71 -10.78 11.83
C ASN A 286 -5.09 -10.36 13.26
N TYR A 287 -5.48 -11.36 14.06
CA TYR A 287 -5.89 -11.21 15.46
C TYR A 287 -5.01 -10.25 16.22
N PRO A 288 -5.56 -9.09 16.62
CA PRO A 288 -4.69 -8.04 17.17
C PRO A 288 -4.28 -8.28 18.63
N PHE A 289 -4.84 -9.32 19.27
CA PHE A 289 -4.51 -9.63 20.65
C PHE A 289 -3.42 -10.67 20.80
N ALA A 290 -2.89 -11.16 19.69
CA ALA A 290 -1.96 -12.31 19.71
C ALA A 290 -0.78 -12.10 20.66
N GLU A 291 -0.04 -11.01 20.45
CA GLU A 291 1.15 -10.76 21.28
C GLU A 291 0.78 -10.28 22.66
N VAL A 292 -0.13 -9.30 22.75
CA VAL A 292 -0.45 -8.70 24.06
C VAL A 292 -1.08 -9.70 25.05
N SER A 293 -1.83 -10.67 24.53
CA SER A 293 -2.45 -11.67 25.40
C SER A 293 -1.61 -12.95 25.53
N LYS A 294 -0.43 -12.96 24.90
CA LYS A 294 0.43 -14.14 24.83
C LYS A 294 -0.36 -15.39 24.41
N ALA A 295 -1.25 -15.19 23.43
CA ALA A 295 -2.14 -16.24 22.94
C ALA A 295 -1.37 -17.51 22.57
N PHE A 296 -0.21 -17.34 21.94
CA PHE A 296 0.56 -18.46 21.38
C PHE A 296 1.81 -18.80 22.18
N LYS A 297 1.87 -18.41 23.44
CA LYS A 297 3.07 -18.63 24.25
C LYS A 297 3.49 -20.11 24.35
N ASN A 298 2.52 -21.02 24.38
CA ASN A 298 2.83 -22.46 24.47
C ASN A 298 2.64 -23.30 23.19
N THR A 299 2.43 -22.60 22.08
CA THR A 299 2.27 -23.23 20.78
C THR A 299 3.62 -23.74 20.30
N ARG A 300 3.69 -25.02 19.94
CA ARG A 300 4.92 -25.59 19.44
C ARG A 300 5.19 -25.19 18.00
N TYR A 301 4.21 -25.36 17.12
CA TYR A 301 4.41 -25.05 15.71
C TYR A 301 3.28 -24.16 15.24
N PHE A 302 3.65 -23.17 14.44
CA PHE A 302 2.76 -22.13 13.98
C PHE A 302 2.78 -22.10 12.46
N LEU A 303 1.62 -22.42 11.86
CA LEU A 303 1.49 -22.52 10.41
C LEU A 303 0.58 -21.40 9.91
N GLN A 304 1.06 -20.61 8.94
CA GLN A 304 0.31 -19.44 8.49
C GLN A 304 0.03 -19.42 6.99
N ILE A 305 -1.22 -19.08 6.65
CA ILE A 305 -1.65 -18.87 5.26
C ILE A 305 -2.26 -17.46 5.18
N ASP A 306 -1.68 -16.61 4.35
CA ASP A 306 -2.20 -15.23 4.19
C ASP A 306 -1.79 -14.72 2.81
N ILE A 307 -2.63 -13.88 2.23
CA ILE A 307 -2.40 -13.29 0.91
C ILE A 307 -1.43 -12.10 0.97
N ASP A 308 -1.18 -11.59 2.18
CA ASP A 308 -0.48 -10.30 2.32
C ASP A 308 0.88 -10.56 2.94
N PRO A 309 1.97 -10.27 2.20
CA PRO A 309 3.30 -10.53 2.75
C PRO A 309 3.59 -9.77 4.03
N ALA A 310 2.96 -8.60 4.21
CA ALA A 310 3.14 -7.83 5.45
C ALA A 310 2.65 -8.57 6.70
N LYS A 311 1.87 -9.63 6.51
CA LYS A 311 1.28 -10.37 7.63
C LYS A 311 2.05 -11.61 8.02
N LEU A 312 2.97 -12.06 7.17
CA LEU A 312 3.61 -13.37 7.34
C LEU A 312 4.68 -13.37 8.41
N GLY A 313 4.42 -14.13 9.48
CA GLY A 313 5.22 -14.08 10.69
C GLY A 313 5.00 -12.83 11.54
N LYS A 314 3.91 -12.11 11.28
CA LYS A 314 3.63 -10.88 12.04
C LYS A 314 3.25 -11.14 13.51
N ARG A 315 2.33 -12.07 13.72
CA ARG A 315 1.71 -12.30 15.04
C ARG A 315 2.41 -13.38 15.84
N HIS A 316 3.28 -14.15 15.18
CA HIS A 316 4.10 -15.20 15.83
C HIS A 316 5.12 -15.69 14.85
N LYS A 317 6.26 -16.18 15.33
CA LYS A 317 7.24 -16.80 14.40
C LYS A 317 6.62 -18.00 13.72
N THR A 318 6.82 -18.04 12.40
CA THR A 318 6.21 -19.03 11.56
C THR A 318 7.13 -20.26 11.37
N ASP A 319 6.54 -21.46 11.42
CA ASP A 319 7.27 -22.68 11.01
C ASP A 319 7.07 -23.02 9.56
N ILE A 320 5.85 -22.78 9.05
CA ILE A 320 5.57 -22.84 7.62
C ILE A 320 4.67 -21.64 7.33
N ALA A 321 5.02 -20.86 6.32
CA ALA A 321 4.24 -19.70 5.91
C ALA A 321 3.95 -19.83 4.45
N VAL A 322 2.67 -19.66 4.10
CA VAL A 322 2.17 -19.77 2.73
C VAL A 322 1.55 -18.44 2.30
N LEU A 323 2.20 -17.80 1.33
CA LEU A 323 1.71 -16.59 0.69
C LEU A 323 0.74 -16.98 -0.41
N ALA A 324 -0.53 -17.19 -0.06
CA ALA A 324 -1.52 -17.64 -1.03
C ALA A 324 -2.93 -17.37 -0.55
N ASP A 325 -3.89 -17.41 -1.49
CA ASP A 325 -5.32 -17.34 -1.20
C ASP A 325 -5.74 -18.43 -0.22
N ALA A 326 -6.59 -18.08 0.76
CA ALA A 326 -7.01 -19.05 1.79
C ALA A 326 -7.77 -20.23 1.21
N GLN A 327 -8.75 -19.98 0.36
CA GLN A 327 -9.53 -21.10 -0.18
C GLN A 327 -8.71 -22.01 -1.07
N LYS A 328 -7.86 -21.46 -1.94
CA LYS A 328 -7.00 -22.30 -2.76
C LYS A 328 -6.12 -23.20 -1.90
N THR A 329 -5.56 -22.66 -0.83
CA THR A 329 -4.62 -23.41 0.00
C THR A 329 -5.34 -24.50 0.80
N LEU A 330 -6.48 -24.13 1.39
CA LEU A 330 -7.27 -25.07 2.19
C LEU A 330 -7.80 -26.22 1.32
N ALA A 331 -8.21 -25.92 0.10
CA ALA A 331 -8.64 -26.94 -0.86
C ALA A 331 -7.47 -27.89 -1.17
N ALA A 332 -6.26 -27.32 -1.31
CA ALA A 332 -5.06 -28.11 -1.59
C ALA A 332 -4.77 -29.08 -0.43
N ILE A 333 -4.89 -28.61 0.80
CA ILE A 333 -4.72 -29.50 1.96
C ILE A 333 -5.77 -30.62 1.95
N LEU A 334 -7.03 -30.25 1.78
CA LEU A 334 -8.16 -31.17 1.81
C LEU A 334 -8.02 -32.25 0.72
N ALA A 335 -7.46 -31.84 -0.44
CA ALA A 335 -7.22 -32.73 -1.58
C ALA A 335 -6.18 -33.83 -1.34
N GLN A 336 -5.31 -33.65 -0.35
CA GLN A 336 -4.27 -34.62 -0.07
C GLN A 336 -4.40 -35.36 1.26
N VAL A 337 -5.56 -35.25 1.90
CA VAL A 337 -5.80 -35.97 3.14
C VAL A 337 -7.05 -36.84 3.03
N SER A 338 -7.17 -37.82 3.91
CA SER A 338 -8.39 -38.61 3.95
C SER A 338 -8.88 -38.75 5.40
N GLU A 339 -10.08 -39.30 5.57
CA GLU A 339 -10.72 -39.45 6.87
C GLU A 339 -9.77 -40.00 7.95
N ARG A 340 -9.70 -39.30 9.09
CA ARG A 340 -8.94 -39.73 10.25
C ARG A 340 -9.91 -40.18 11.31
N GLU A 341 -9.50 -41.14 12.12
CA GLU A 341 -10.26 -41.53 13.30
C GLU A 341 -10.29 -40.41 14.36
N SER A 342 -11.35 -40.39 15.14
CA SER A 342 -11.45 -39.60 16.38
C SER A 342 -10.20 -39.69 17.25
N THR A 343 -9.98 -38.65 18.04
CA THR A 343 -8.84 -38.59 18.93
C THR A 343 -9.34 -38.08 20.27
N PRO A 344 -8.56 -38.31 21.35
CA PRO A 344 -8.91 -37.76 22.66
C PRO A 344 -9.10 -36.22 22.63
N TRP A 345 -8.20 -35.51 21.95
CA TRP A 345 -8.30 -34.05 21.83
C TRP A 345 -9.63 -33.62 21.23
N TRP A 346 -10.02 -34.30 20.15
CA TRP A 346 -11.26 -34.01 19.46
C TRP A 346 -12.47 -34.20 20.38
N GLN A 347 -12.56 -35.36 21.05
CA GLN A 347 -13.70 -35.62 21.91
C GLN A 347 -13.77 -34.65 23.09
N ALA A 348 -12.60 -34.33 23.65
CA ALA A 348 -12.55 -33.40 24.79
C ALA A 348 -13.16 -32.05 24.38
N ASN A 349 -12.76 -31.56 23.21
CA ASN A 349 -13.28 -30.28 22.73
C ASN A 349 -14.78 -30.35 22.39
N LEU A 350 -15.22 -31.44 21.77
CA LEU A 350 -16.64 -31.58 21.43
C LEU A 350 -17.51 -31.52 22.67
N ALA A 351 -17.08 -32.22 23.73
CA ALA A 351 -17.83 -32.23 24.99
C ALA A 351 -17.84 -30.82 25.64
N ASN A 352 -16.72 -30.12 25.55
CA ASN A 352 -16.61 -28.74 26.09
C ASN A 352 -17.57 -27.77 25.42
N VAL A 353 -17.67 -27.88 24.10
CA VAL A 353 -18.62 -27.10 23.32
C VAL A 353 -20.07 -27.41 23.73
N LYS A 354 -20.41 -28.69 23.88
CA LYS A 354 -21.78 -29.02 24.29
C LYS A 354 -22.14 -28.38 25.62
N ASN A 355 -21.22 -28.46 26.56
CA ASN A 355 -21.42 -27.92 27.92
C ASN A 355 -21.62 -26.38 27.87
N TRP A 356 -20.82 -25.72 27.04
CA TRP A 356 -20.88 -24.26 26.84
C TRP A 356 -22.19 -23.83 26.19
N ARG A 357 -22.58 -24.51 25.11
CA ARG A 357 -23.82 -24.16 24.44
C ARG A 357 -25.06 -24.39 25.32
N ALA A 358 -25.01 -25.40 26.18
CA ALA A 358 -26.10 -25.65 27.11
C ALA A 358 -26.21 -24.49 28.12
N TYR A 359 -25.06 -24.01 28.60
CA TYR A 359 -25.00 -22.77 29.38
C TYR A 359 -25.69 -21.57 28.70
N LEU A 360 -25.30 -21.26 27.46
CA LEU A 360 -25.91 -20.12 26.72
C LEU A 360 -27.41 -20.32 26.52
N ALA A 361 -27.81 -21.53 26.15
CA ALA A 361 -29.24 -21.87 26.06
C ALA A 361 -30.01 -21.65 27.36
N SER A 362 -29.41 -21.97 28.51
CA SER A 362 -30.07 -21.78 29.80
C SER A 362 -30.35 -20.28 30.06
N LEU A 363 -29.44 -19.42 29.62
CA LEU A 363 -29.64 -17.97 29.68
C LEU A 363 -30.76 -17.51 28.75
N GLU A 364 -30.74 -18.02 27.51
CA GLU A 364 -31.69 -17.61 26.48
C GLU A 364 -33.10 -18.05 26.82
N ASP A 365 -33.22 -19.19 27.51
CA ASP A 365 -34.49 -19.90 27.66
C ASP A 365 -35.32 -19.48 28.87
N LYS A 366 -34.84 -18.54 29.68
CA LYS A 366 -35.67 -17.94 30.73
C LYS A 366 -36.96 -17.37 30.12
N GLN A 367 -38.08 -17.53 30.83
CA GLN A 367 -39.40 -17.19 30.29
C GLN A 367 -40.05 -15.97 30.94
N GLU A 368 -39.60 -15.63 32.15
CA GLU A 368 -40.15 -14.49 32.85
C GLU A 368 -39.14 -13.92 33.82
N GLY A 369 -39.35 -12.68 34.23
CA GLY A 369 -38.46 -12.02 35.16
C GLY A 369 -37.76 -10.83 34.55
N PRO A 370 -36.77 -10.27 35.28
CA PRO A 370 -36.01 -9.08 34.84
C PRO A 370 -35.26 -9.36 33.54
N LEU A 371 -35.49 -8.51 32.55
CA LEU A 371 -34.92 -8.67 31.22
C LEU A 371 -33.40 -8.57 31.24
N GLN A 372 -32.73 -9.55 30.63
CA GLN A 372 -31.29 -9.47 30.42
C GLN A 372 -31.02 -9.47 28.94
N ALA A 373 -29.81 -9.07 28.56
CA ALA A 373 -29.39 -9.06 27.15
C ALA A 373 -29.57 -10.42 26.46
N TYR A 374 -29.41 -11.51 27.23
CA TYR A 374 -29.46 -12.86 26.66
C TYR A 374 -30.81 -13.20 26.03
N GLN A 375 -31.91 -12.90 26.72
CA GLN A 375 -33.23 -13.19 26.19
C GLN A 375 -33.60 -12.26 25.02
N VAL A 376 -33.17 -11.00 25.08
CA VAL A 376 -33.36 -10.09 23.95
C VAL A 376 -32.78 -10.71 22.69
N LEU A 377 -31.55 -11.24 22.78
CA LEU A 377 -30.91 -11.87 21.60
C LEU A 377 -31.61 -13.16 21.18
N ARG A 378 -32.07 -13.96 22.14
CA ARG A 378 -32.95 -15.08 21.78
C ARG A 378 -34.19 -14.60 20.99
N ALA A 379 -34.78 -13.48 21.41
CA ALA A 379 -35.97 -12.95 20.72
C ALA A 379 -35.63 -12.47 19.30
N VAL A 380 -34.43 -11.91 19.12
CA VAL A 380 -33.90 -11.59 17.78
C VAL A 380 -33.78 -12.87 16.93
N ASN A 381 -33.13 -13.90 17.47
CA ASN A 381 -33.01 -15.21 16.78
C ASN A 381 -34.36 -15.74 16.31
N LYS A 382 -35.37 -15.60 17.18
CA LYS A 382 -36.70 -16.14 16.88
C LYS A 382 -37.41 -15.43 15.72
N ILE A 383 -37.12 -14.15 15.50
CA ILE A 383 -37.73 -13.43 14.36
C ILE A 383 -36.79 -13.26 13.16
N ALA A 384 -35.57 -13.76 13.28
CA ALA A 384 -34.57 -13.53 12.26
C ALA A 384 -34.75 -14.46 11.07
N GLU A 385 -34.71 -13.87 9.87
CA GLU A 385 -34.74 -14.61 8.62
C GLU A 385 -33.37 -15.24 8.39
N PRO A 386 -33.30 -16.35 7.61
CA PRO A 386 -32.03 -17.06 7.47
C PRO A 386 -30.91 -16.26 6.83
N ASP A 387 -31.26 -15.22 6.08
CA ASP A 387 -30.26 -14.40 5.43
C ASP A 387 -30.21 -12.98 5.99
N ALA A 388 -30.64 -12.81 7.25
CA ALA A 388 -30.63 -11.49 7.90
C ALA A 388 -29.23 -10.90 7.96
N ILE A 389 -29.15 -9.57 7.93
CA ILE A 389 -27.88 -8.84 8.07
C ILE A 389 -27.92 -8.07 9.39
N TYR A 390 -26.80 -8.09 10.12
CA TYR A 390 -26.70 -7.48 11.44
C TYR A 390 -25.65 -6.38 11.40
N SER A 391 -26.07 -5.16 11.71
CA SER A 391 -25.15 -4.08 11.94
C SER A 391 -25.05 -3.94 13.46
N ILE A 392 -23.83 -4.14 13.99
CA ILE A 392 -23.65 -4.25 15.43
C ILE A 392 -22.81 -3.05 15.92
N ASP A 393 -23.26 -2.42 17.02
CA ASP A 393 -22.48 -1.32 17.61
C ASP A 393 -21.28 -1.86 18.44
N VAL A 394 -20.78 -1.06 19.36
CA VAL A 394 -19.55 -1.40 20.08
C VAL A 394 -19.79 -1.40 21.59
N GLY A 395 -19.47 -2.51 22.23
CA GLY A 395 -19.60 -2.63 23.69
C GLY A 395 -19.95 -4.06 24.05
N ASP A 396 -20.66 -4.25 25.16
CA ASP A 396 -21.17 -5.58 25.52
C ASP A 396 -21.85 -6.28 24.36
N ILE A 397 -22.55 -5.53 23.48
CA ILE A 397 -23.28 -6.14 22.36
C ILE A 397 -22.38 -7.01 21.47
N ASN A 398 -21.11 -6.61 21.27
CA ASN A 398 -20.22 -7.47 20.49
C ASN A 398 -20.09 -8.85 21.15
N LEU A 399 -19.88 -8.86 22.45
CA LEU A 399 -19.72 -10.13 23.21
C LEU A 399 -21.02 -10.92 23.20
N ASN A 400 -22.13 -10.25 23.51
CA ASN A 400 -23.41 -10.93 23.56
C ASN A 400 -23.86 -11.46 22.19
N ALA A 401 -23.74 -10.64 21.14
CA ALA A 401 -24.11 -11.09 19.80
C ALA A 401 -23.21 -12.24 19.33
N ASN A 402 -21.93 -12.13 19.64
CA ASN A 402 -20.98 -13.19 19.33
C ASN A 402 -21.38 -14.56 19.95
N ARG A 403 -21.87 -14.54 21.19
CA ARG A 403 -22.29 -15.79 21.81
C ARG A 403 -23.68 -16.26 21.33
N HIS A 404 -24.62 -15.33 21.17
CA HIS A 404 -26.03 -15.73 21.02
C HIS A 404 -26.61 -15.80 19.61
N LEU A 405 -26.11 -14.95 18.70
CA LEU A 405 -26.62 -14.98 17.32
C LEU A 405 -26.28 -16.32 16.68
N LYS A 406 -27.26 -16.91 16.00
CA LYS A 406 -27.09 -18.20 15.36
C LYS A 406 -26.93 -17.94 13.85
N LEU A 407 -25.68 -17.78 13.43
CA LEU A 407 -25.36 -17.35 12.08
C LEU A 407 -24.93 -18.52 11.21
N THR A 408 -25.10 -18.32 9.90
CA THR A 408 -24.68 -19.28 8.90
C THR A 408 -24.00 -18.46 7.79
N PRO A 409 -23.35 -19.13 6.81
CA PRO A 409 -22.82 -18.44 5.62
C PRO A 409 -23.83 -17.53 4.92
N SER A 410 -25.12 -17.75 5.14
CA SER A 410 -26.14 -16.93 4.52
C SER A 410 -26.25 -15.53 5.13
N ASN A 411 -25.76 -15.36 6.36
CA ASN A 411 -25.83 -14.07 7.05
C ASN A 411 -24.65 -13.18 6.72
N ARG A 412 -24.82 -11.90 7.01
CA ARG A 412 -23.73 -10.96 7.17
C ARG A 412 -23.86 -10.24 8.53
N HIS A 413 -22.71 -9.97 9.14
CA HIS A 413 -22.66 -9.06 10.27
C HIS A 413 -21.42 -8.19 10.15
N ILE A 414 -21.57 -6.93 10.55
CA ILE A 414 -20.49 -5.97 10.48
C ILE A 414 -20.50 -5.17 11.77
N THR A 415 -19.31 -4.78 12.20
CA THR A 415 -19.17 -3.75 13.22
C THR A 415 -17.91 -2.96 12.83
N SER A 416 -17.49 -2.06 13.70
CA SER A 416 -16.19 -1.40 13.59
C SER A 416 -15.15 -2.33 14.23
N ASN A 417 -14.49 -3.17 13.42
CA ASN A 417 -13.73 -4.30 13.97
C ASN A 417 -12.54 -3.91 14.82
N LEU A 418 -11.77 -2.90 14.35
CA LEU A 418 -10.45 -2.59 14.89
C LEU A 418 -10.30 -1.17 15.49
N PHE A 419 -10.83 -0.16 14.78
CA PHE A 419 -10.96 1.20 15.34
C PHE A 419 -11.98 1.16 16.44
N ALA A 420 -12.97 0.27 16.26
CA ALA A 420 -14.01 0.06 17.25
C ALA A 420 -14.71 1.37 17.68
N THR A 421 -15.16 2.16 16.70
CA THR A 421 -15.91 3.36 17.03
C THR A 421 -17.35 3.03 17.38
N MET A 422 -17.78 3.45 18.55
CA MET A 422 -19.20 3.43 18.92
C MET A 422 -19.98 4.26 17.93
N GLY A 423 -21.27 3.95 17.81
CA GLY A 423 -22.18 4.69 16.93
C GLY A 423 -22.41 4.06 15.58
N VAL A 424 -21.67 2.98 15.26
CA VAL A 424 -21.78 2.38 13.91
C VAL A 424 -23.06 1.60 13.65
N GLY A 425 -23.79 1.23 14.72
CA GLY A 425 -25.01 0.42 14.57
C GLY A 425 -25.99 1.02 13.57
N ILE A 426 -26.34 2.28 13.80
CA ILE A 426 -27.34 2.98 12.99
C ILE A 426 -26.89 3.14 11.51
N PRO A 427 -25.72 3.79 11.26
CA PRO A 427 -25.25 3.88 9.87
C PRO A 427 -25.02 2.55 9.15
N GLY A 428 -24.48 1.53 9.83
CA GLY A 428 -24.23 0.24 9.19
C GLY A 428 -25.56 -0.38 8.72
N ALA A 429 -26.62 -0.14 9.48
CA ALA A 429 -27.94 -0.65 9.12
C ALA A 429 -28.57 0.14 7.98
N ILE A 430 -28.31 1.44 7.96
CA ILE A 430 -28.72 2.28 6.82
C ILE A 430 -28.08 1.74 5.54
N ALA A 431 -26.75 1.55 5.57
CA ALA A 431 -26.02 1.01 4.43
C ALA A 431 -26.53 -0.38 4.06
N ALA A 432 -26.75 -1.25 5.05
CA ALA A 432 -27.27 -2.61 4.79
C ALA A 432 -28.62 -2.58 4.05
N LYS A 433 -29.54 -1.72 4.48
CA LYS A 433 -30.88 -1.73 3.88
C LYS A 433 -30.88 -1.11 2.49
N LEU A 434 -30.01 -0.13 2.27
CA LEU A 434 -29.83 0.43 0.93
C LEU A 434 -29.28 -0.62 -0.04
N ASN A 435 -28.30 -1.40 0.42
CA ASN A 435 -27.71 -2.43 -0.44
C ASN A 435 -28.54 -3.71 -0.59
N TYR A 436 -29.39 -3.99 0.40
CA TYR A 436 -30.16 -5.23 0.40
C TYR A 436 -31.60 -4.97 0.87
N PRO A 437 -32.40 -4.22 0.06
CA PRO A 437 -33.76 -3.83 0.47
C PRO A 437 -34.65 -5.04 0.76
N GLU A 438 -34.33 -6.19 0.17
CA GLU A 438 -35.12 -7.39 0.35
C GLU A 438 -34.65 -8.28 1.49
N ARG A 439 -33.58 -7.89 2.19
CA ARG A 439 -33.10 -8.72 3.28
C ARG A 439 -33.45 -8.03 4.58
N GLN A 440 -33.73 -8.83 5.61
CA GLN A 440 -34.00 -8.29 6.93
C GLN A 440 -32.72 -7.69 7.49
N VAL A 441 -32.83 -6.51 8.07
CA VAL A 441 -31.66 -5.82 8.64
C VAL A 441 -31.90 -5.42 10.12
N PHE A 442 -31.00 -5.84 11.01
CA PHE A 442 -31.02 -5.41 12.40
C PHE A 442 -29.91 -4.39 12.68
N ASN A 443 -30.21 -3.45 13.56
CA ASN A 443 -29.22 -2.62 14.25
C ASN A 443 -29.23 -3.03 15.73
N LEU A 444 -28.16 -3.67 16.19
CA LEU A 444 -28.06 -4.09 17.59
C LEU A 444 -27.04 -3.17 18.26
N ALA A 445 -27.51 -2.37 19.21
CA ALA A 445 -26.71 -1.31 19.81
C ALA A 445 -26.96 -1.15 21.30
N GLY A 446 -25.89 -0.93 22.03
CA GLY A 446 -26.00 -0.51 23.43
C GLY A 446 -26.50 0.93 23.47
N ASP A 447 -26.92 1.37 24.65
CA ASP A 447 -27.46 2.71 24.83
C ASP A 447 -26.43 3.82 24.64
N GLY A 448 -25.19 3.57 25.06
CA GLY A 448 -24.08 4.51 24.87
C GLY A 448 -23.83 4.76 23.38
N GLY A 449 -23.73 3.69 22.59
CA GLY A 449 -23.44 3.82 21.15
C GLY A 449 -24.62 4.35 20.35
N ALA A 450 -25.81 3.85 20.65
CA ALA A 450 -27.04 4.35 20.02
C ALA A 450 -27.21 5.85 20.27
N SER A 451 -26.90 6.31 21.49
CA SER A 451 -26.93 7.74 21.83
C SER A 451 -26.07 8.58 20.93
N MET A 452 -24.89 8.08 20.58
CA MET A 452 -23.96 8.89 19.80
C MET A 452 -24.45 9.24 18.40
N THR A 453 -25.25 8.35 17.80
CA THR A 453 -25.72 8.60 16.42
C THR A 453 -27.24 8.58 16.31
N MET A 454 -27.93 8.75 17.45
CA MET A 454 -29.38 8.64 17.55
C MET A 454 -30.17 9.50 16.55
N GLN A 455 -29.67 10.70 16.26
CA GLN A 455 -30.35 11.61 15.32
C GLN A 455 -30.59 10.93 13.95
N ASP A 456 -29.67 10.06 13.53
CA ASP A 456 -29.86 9.38 12.24
C ASP A 456 -30.84 8.21 12.21
N LEU A 457 -31.53 7.98 13.32
CA LEU A 457 -32.79 7.23 13.23
C LEU A 457 -33.75 7.98 12.28
N ALA A 458 -33.65 9.31 12.25
CA ALA A 458 -34.47 10.14 11.34
C ALA A 458 -34.20 9.79 9.86
N THR A 459 -32.95 9.44 9.55
CA THR A 459 -32.56 9.04 8.20
C THR A 459 -33.23 7.72 7.75
N GLN A 460 -33.36 6.74 8.66
CA GLN A 460 -34.12 5.52 8.34
C GLN A 460 -35.57 5.86 8.03
N VAL A 461 -36.16 6.79 8.78
CA VAL A 461 -37.54 7.25 8.54
C VAL A 461 -37.65 7.98 7.18
N GLN A 462 -36.75 8.93 6.95
CA GLN A 462 -36.81 9.79 5.76
C GLN A 462 -36.71 8.97 4.49
N TYR A 463 -35.87 7.95 4.51
CA TYR A 463 -35.65 7.12 3.33
C TYR A 463 -36.44 5.80 3.37
N HIS A 464 -37.35 5.70 4.34
CA HIS A 464 -38.19 4.51 4.50
C HIS A 464 -37.35 3.19 4.48
N LEU A 465 -36.35 3.11 5.36
CA LEU A 465 -35.45 1.96 5.40
C LEU A 465 -35.87 1.11 6.60
N PRO A 466 -36.57 -0.01 6.35
CA PRO A 466 -37.17 -0.80 7.45
C PRO A 466 -36.18 -1.60 8.31
N VAL A 467 -35.36 -0.88 9.06
CA VAL A 467 -34.39 -1.48 9.98
C VAL A 467 -35.12 -1.86 11.27
N ILE A 468 -34.75 -3.01 11.83
CA ILE A 468 -35.18 -3.37 13.19
C ILE A 468 -34.09 -2.94 14.16
N ASN A 469 -34.32 -1.83 14.86
CA ASN A 469 -33.34 -1.28 15.79
C ASN A 469 -33.61 -1.88 17.15
N VAL A 470 -32.58 -2.41 17.79
CA VAL A 470 -32.70 -2.92 19.14
C VAL A 470 -31.63 -2.30 20.05
N VAL A 471 -32.08 -1.46 20.98
CA VAL A 471 -31.20 -0.82 21.95
C VAL A 471 -31.22 -1.56 23.30
N PHE A 472 -30.01 -1.84 23.80
CA PHE A 472 -29.77 -2.52 25.07
C PHE A 472 -29.48 -1.45 26.10
N THR A 473 -30.52 -1.08 26.84
CA THR A 473 -30.43 0.03 27.76
C THR A 473 -30.07 -0.48 29.15
N ASN A 474 -28.79 -0.38 29.50
CA ASN A 474 -28.38 -0.71 30.86
C ASN A 474 -28.07 0.53 31.72
N CYS A 475 -28.22 1.72 31.11
CA CYS A 475 -27.86 3.02 31.74
C CYS A 475 -26.42 3.01 32.21
N GLN A 476 -25.59 2.32 31.41
CA GLN A 476 -24.16 2.21 31.70
C GLN A 476 -23.38 2.17 30.41
N TYR A 477 -22.09 2.48 30.51
CA TYR A 477 -21.13 2.02 29.55
C TYR A 477 -20.63 0.69 30.15
N GLY A 478 -21.39 -0.38 29.93
CA GLY A 478 -21.15 -1.65 30.64
C GLY A 478 -19.76 -2.19 30.37
N TRP A 479 -19.35 -2.17 29.09
CA TRP A 479 -18.02 -2.64 28.69
C TRP A 479 -16.93 -2.00 29.53
N ILE A 480 -17.10 -0.69 29.81
CA ILE A 480 -16.07 0.12 30.52
C ILE A 480 -16.18 -0.05 32.04
N LYS A 481 -17.42 -0.16 32.53
CA LYS A 481 -17.64 -0.47 33.95
C LYS A 481 -16.90 -1.74 34.35
N ASP A 482 -17.00 -2.77 33.51
CA ASP A 482 -16.33 -4.05 33.77
C ASP A 482 -14.80 -3.92 33.76
N GLU A 483 -14.26 -3.10 32.86
CA GLU A 483 -12.83 -2.82 32.88
C GLU A 483 -12.41 -2.11 34.15
N GLN A 484 -13.16 -1.10 34.57
CA GLN A 484 -12.83 -0.41 35.82
C GLN A 484 -12.90 -1.37 37.01
N GLU A 485 -13.89 -2.27 36.98
CA GLU A 485 -13.99 -3.31 38.01
C GLU A 485 -12.66 -4.10 38.10
N ASP A 486 -12.10 -4.45 36.94
CA ASP A 486 -10.90 -5.28 36.85
C ASP A 486 -9.60 -4.54 37.17
N THR A 487 -9.54 -3.23 36.88
CA THR A 487 -8.26 -2.51 36.99
C THR A 487 -8.21 -1.39 38.04
N ASN A 488 -9.33 -0.71 38.27
CA ASN A 488 -9.26 0.55 39.01
C ASN A 488 -9.28 0.33 40.52
N GLN A 489 -8.53 1.14 41.25
CA GLN A 489 -8.54 1.07 42.70
C GLN A 489 -9.67 1.86 43.31
N ASN A 490 -10.03 2.98 42.69
CA ASN A 490 -11.06 3.84 43.27
C ASN A 490 -12.45 3.53 42.73
N ASP A 491 -13.48 4.22 43.22
CA ASP A 491 -14.85 3.96 42.79
C ASP A 491 -15.03 4.15 41.27
N PHE A 492 -16.01 3.43 40.73
CA PHE A 492 -16.47 3.61 39.35
C PHE A 492 -16.67 5.08 39.03
N ILE A 493 -16.35 5.49 37.80
CA ILE A 493 -16.53 6.89 37.42
C ILE A 493 -16.83 6.98 35.93
N GLY A 494 -17.92 7.68 35.59
CA GLY A 494 -18.26 7.93 34.21
C GLY A 494 -18.84 6.73 33.49
N VAL A 495 -19.25 5.70 34.22
CA VAL A 495 -19.73 4.46 33.59
C VAL A 495 -21.21 4.13 33.86
N GLU A 496 -21.82 4.87 34.79
CA GLU A 496 -23.26 4.73 35.10
C GLU A 496 -23.87 6.12 34.90
N PHE A 497 -24.95 6.16 34.12
CA PHE A 497 -25.55 7.43 33.78
C PHE A 497 -27.06 7.36 33.74
N ASN A 498 -27.66 8.48 33.38
CA ASN A 498 -29.09 8.62 33.32
C ASN A 498 -29.72 7.90 32.16
N ASP A 499 -30.91 7.38 32.40
CA ASP A 499 -31.78 6.78 31.38
C ASP A 499 -32.10 7.70 30.20
N ILE A 500 -32.03 7.13 28.99
CA ILE A 500 -32.69 7.72 27.84
C ILE A 500 -33.75 6.71 27.36
N ASP A 501 -34.99 7.19 27.18
CA ASP A 501 -36.04 6.35 26.66
C ASP A 501 -35.99 6.44 25.14
N PHE A 502 -35.39 5.43 24.50
CA PHE A 502 -35.27 5.40 23.05
C PHE A 502 -36.58 5.19 22.29
N SER A 503 -37.61 4.67 22.96
CA SER A 503 -38.95 4.62 22.35
C SER A 503 -39.52 6.04 22.16
N LYS A 504 -39.22 6.94 23.09
CA LYS A 504 -39.59 8.37 22.95
C LYS A 504 -38.71 9.10 21.94
N ILE A 505 -37.41 8.79 21.95
CA ILE A 505 -36.51 9.29 20.88
C ILE A 505 -37.06 8.90 19.51
N ALA A 506 -37.40 7.62 19.34
CA ALA A 506 -37.99 7.08 18.13
C ALA A 506 -39.29 7.81 17.77
N ASP A 507 -40.20 7.96 18.74
CA ASP A 507 -41.41 8.73 18.55
C ASP A 507 -41.08 10.13 18.01
N GLY A 508 -40.07 10.78 18.60
CA GLY A 508 -39.61 12.10 18.12
C GLY A 508 -39.15 12.18 16.67
N VAL A 509 -38.55 11.12 16.16
CA VAL A 509 -38.16 11.10 14.74
C VAL A 509 -39.24 10.46 13.85
N HIS A 510 -40.38 10.09 14.45
CA HIS A 510 -41.57 9.54 13.76
C HIS A 510 -41.36 8.09 13.29
N MET A 511 -40.77 7.32 14.19
CA MET A 511 -40.52 5.87 14.01
C MET A 511 -41.35 5.15 15.08
N GLN A 512 -42.08 4.10 14.67
CA GLN A 512 -42.79 3.23 15.62
C GLN A 512 -41.82 2.57 16.57
N ALA A 513 -42.22 2.42 17.84
CA ALA A 513 -41.28 1.87 18.83
C ALA A 513 -41.99 1.28 20.03
N PHE A 514 -41.24 0.49 20.78
CA PHE A 514 -41.69 -0.21 21.98
C PHE A 514 -40.56 -0.10 22.98
N ARG A 515 -40.90 -0.17 24.25
CA ARG A 515 -39.91 -0.24 25.33
C ARG A 515 -40.37 -1.42 26.16
N VAL A 516 -39.45 -2.34 26.49
CA VAL A 516 -39.74 -3.51 27.29
C VAL A 516 -38.75 -3.65 28.44
N ASN A 517 -39.21 -4.19 29.57
CA ASN A 517 -38.24 -4.44 30.65
C ASN A 517 -38.42 -5.79 31.34
N LYS A 518 -39.25 -6.65 30.75
CA LYS A 518 -39.47 -7.98 31.31
C LYS A 518 -39.38 -9.03 30.23
N ILE A 519 -38.83 -10.19 30.60
CA ILE A 519 -38.62 -11.29 29.66
C ILE A 519 -39.92 -11.71 28.96
N GLU A 520 -41.01 -11.73 29.73
CA GLU A 520 -42.31 -12.18 29.20
C GLU A 520 -42.92 -11.25 28.15
N GLN A 521 -42.45 -10.01 28.08
CA GLN A 521 -42.94 -9.04 27.10
C GLN A 521 -42.37 -9.24 25.70
N LEU A 522 -41.29 -10.00 25.58
CA LEU A 522 -40.53 -10.06 24.32
C LEU A 522 -41.25 -10.70 23.11
N PRO A 523 -41.88 -11.91 23.30
CA PRO A 523 -42.43 -12.54 22.10
C PRO A 523 -43.41 -11.65 21.32
N ASP A 524 -44.34 -10.99 22.01
CA ASP A 524 -45.33 -10.18 21.30
C ASP A 524 -44.73 -8.89 20.69
N VAL A 525 -43.82 -8.25 21.42
CA VAL A 525 -43.20 -7.03 20.92
C VAL A 525 -42.36 -7.33 19.66
N PHE A 526 -41.57 -8.39 19.73
CA PHE A 526 -40.73 -8.78 18.60
C PHE A 526 -41.53 -9.22 17.37
N GLU A 527 -42.66 -9.90 17.58
CA GLU A 527 -43.56 -10.24 16.47
C GLU A 527 -44.13 -9.00 15.81
N GLN A 528 -44.56 -8.02 16.60
CA GLN A 528 -45.04 -6.77 16.04
C GLN A 528 -43.93 -6.07 15.25
N ALA A 529 -42.72 -5.99 15.84
CA ALA A 529 -41.57 -5.38 15.15
C ALA A 529 -41.25 -6.07 13.80
N LYS A 530 -41.26 -7.40 13.80
CA LYS A 530 -41.01 -8.19 12.59
C LYS A 530 -41.98 -7.76 11.48
N ALA A 531 -43.23 -7.57 11.85
CA ALA A 531 -44.30 -7.18 10.90
C ALA A 531 -44.16 -5.73 10.44
N ILE A 532 -43.95 -4.80 11.38
CA ILE A 532 -43.76 -3.40 11.05
C ILE A 532 -42.63 -3.22 10.03
N ALA A 533 -41.55 -3.98 10.24
CA ALA A 533 -40.33 -3.89 9.42
C ALA A 533 -40.46 -4.55 8.05
N GLN A 534 -41.66 -5.02 7.72
CA GLN A 534 -41.93 -5.33 6.32
C GLN A 534 -42.05 -4.05 5.50
N HIS A 535 -42.34 -2.92 6.15
CA HIS A 535 -42.51 -1.66 5.43
C HIS A 535 -41.84 -0.42 6.01
N GLU A 536 -41.55 -0.42 7.30
CA GLU A 536 -41.02 0.79 7.92
C GLU A 536 -40.04 0.40 9.01
N PRO A 537 -39.11 1.33 9.37
CA PRO A 537 -38.21 1.02 10.48
C PRO A 537 -38.99 0.90 11.81
N VAL A 538 -38.39 0.24 12.78
CA VAL A 538 -38.98 0.08 14.10
C VAL A 538 -37.85 0.07 15.12
N LEU A 539 -38.15 0.47 16.36
CA LEU A 539 -37.13 0.44 17.43
C LEU A 539 -37.68 -0.28 18.66
N ILE A 540 -36.87 -1.17 19.24
CA ILE A 540 -37.21 -1.80 20.50
C ILE A 540 -36.17 -1.33 21.49
N ASP A 541 -36.62 -0.67 22.56
CA ASP A 541 -35.74 -0.24 23.63
C ASP A 541 -35.87 -1.29 24.72
N ALA A 542 -34.83 -2.11 24.87
CA ALA A 542 -34.83 -3.18 25.88
C ALA A 542 -34.07 -2.77 27.14
N VAL A 543 -34.82 -2.59 28.23
CA VAL A 543 -34.25 -2.18 29.50
C VAL A 543 -33.73 -3.46 30.15
N ILE A 544 -32.42 -3.56 30.23
CA ILE A 544 -31.78 -4.80 30.69
C ILE A 544 -31.10 -4.58 32.04
N THR A 545 -30.81 -5.68 32.73
CA THR A 545 -30.11 -5.61 34.01
C THR A 545 -28.65 -5.16 33.82
N GLY A 546 -27.99 -4.89 34.95
CA GLY A 546 -26.58 -4.57 34.95
C GLY A 546 -25.73 -5.80 35.23
N ASP A 547 -26.25 -7.00 34.96
CA ASP A 547 -25.45 -8.22 35.14
C ASP A 547 -24.25 -8.18 34.20
N ARG A 548 -23.06 -8.51 34.72
CA ARG A 548 -21.88 -8.64 33.86
C ARG A 548 -21.90 -9.98 33.09
N PRO A 549 -21.72 -9.95 31.75
CA PRO A 549 -21.64 -11.22 31.04
C PRO A 549 -20.36 -11.99 31.41
N LEU A 550 -20.45 -13.31 31.43
CA LEU A 550 -19.33 -14.17 31.80
C LEU A 550 -18.04 -13.77 31.05
N PRO A 551 -16.96 -13.46 31.80
CA PRO A 551 -15.66 -13.15 31.22
C PRO A 551 -14.86 -14.40 30.84
N ALA A 552 -14.86 -14.72 29.56
CA ALA A 552 -14.22 -15.92 29.04
C ALA A 552 -12.71 -15.87 29.24
N GLU A 553 -12.20 -14.66 29.49
CA GLU A 553 -10.78 -14.40 29.72
C GLU A 553 -10.39 -14.46 31.22
N LYS A 554 -11.40 -14.64 32.08
CA LYS A 554 -11.19 -14.71 33.54
C LYS A 554 -12.04 -15.82 34.11
N LEU A 555 -11.86 -17.04 33.60
CA LEU A 555 -12.69 -18.16 34.04
C LEU A 555 -12.24 -18.55 35.44
N ARG A 556 -13.19 -18.83 36.33
CA ARG A 556 -12.87 -19.40 37.66
C ARG A 556 -13.72 -20.66 37.85
N LEU A 557 -13.24 -21.75 37.27
CA LEU A 557 -13.97 -23.04 37.28
C LEU A 557 -13.08 -24.25 37.57
N ASP A 558 -11.77 -24.07 37.48
CA ASP A 558 -10.83 -25.18 37.59
C ASP A 558 -10.13 -25.12 38.97
N SER A 559 -10.40 -26.11 39.82
CA SER A 559 -9.85 -26.13 41.19
C SER A 559 -8.35 -26.35 41.26
N ALA A 560 -7.72 -26.71 40.15
CA ALA A 560 -6.27 -26.77 40.10
C ALA A 560 -5.67 -25.38 39.93
N MET A 561 -6.52 -24.41 39.59
CA MET A 561 -6.05 -23.06 39.23
C MET A 561 -6.68 -21.93 40.06
N SER A 562 -7.85 -22.19 40.64
CA SER A 562 -8.60 -21.15 41.35
C SER A 562 -9.07 -21.68 42.68
N SER A 563 -9.18 -20.78 43.66
CA SER A 563 -9.68 -21.15 44.98
C SER A 563 -11.14 -21.59 44.92
N ALA A 564 -11.53 -22.44 45.87
CA ALA A 564 -12.92 -22.87 46.00
C ALA A 564 -13.87 -21.67 46.08
N ALA A 565 -13.47 -20.65 46.83
CA ALA A 565 -14.28 -19.42 47.01
C ALA A 565 -14.44 -18.55 45.75
N ASP A 566 -13.39 -18.47 44.94
CA ASP A 566 -13.46 -17.74 43.67
C ASP A 566 -14.35 -18.47 42.66
N ILE A 567 -14.28 -19.80 42.67
CA ILE A 567 -15.14 -20.61 41.79
C ILE A 567 -16.62 -20.42 42.13
N GLU A 568 -16.92 -20.49 43.42
CA GLU A 568 -18.25 -20.34 43.96
C GLU A 568 -18.82 -18.96 43.61
N ALA A 569 -18.03 -17.90 43.82
CA ALA A 569 -18.45 -16.55 43.47
C ALA A 569 -18.71 -16.39 41.95
N PHE A 570 -17.85 -17.01 41.13
CA PHE A 570 -17.97 -16.95 39.67
C PHE A 570 -19.27 -17.66 39.17
N LYS A 571 -19.48 -18.92 39.59
CA LYS A 571 -20.72 -19.64 39.34
C LYS A 571 -21.98 -18.85 39.71
N GLN A 572 -22.00 -18.22 40.89
CA GLN A 572 -23.19 -17.56 41.35
C GLN A 572 -23.44 -16.32 40.50
N ARG A 573 -22.39 -15.53 40.28
CA ARG A 573 -22.51 -14.25 39.56
C ARG A 573 -22.95 -14.48 38.12
N TYR A 574 -22.39 -15.51 37.49
CA TYR A 574 -22.61 -15.76 36.06
C TYR A 574 -23.58 -16.90 35.76
N GLU A 575 -24.30 -17.37 36.78
CA GLU A 575 -25.32 -18.42 36.64
C GLU A 575 -24.70 -19.63 35.92
N ALA A 576 -23.46 -19.94 36.33
CA ALA A 576 -22.57 -20.89 35.64
C ALA A 576 -22.31 -22.16 36.45
N GLN A 577 -23.23 -22.50 37.33
CA GLN A 577 -23.16 -23.72 38.14
C GLN A 577 -22.93 -25.01 37.33
N ASP A 578 -23.46 -25.05 36.11
CA ASP A 578 -23.35 -26.24 35.26
C ASP A 578 -22.19 -26.22 34.26
N LEU A 579 -21.40 -25.15 34.26
CA LEU A 579 -20.19 -25.11 33.43
C LEU A 579 -19.05 -25.94 34.02
N GLN A 580 -18.33 -26.66 33.16
CA GLN A 580 -17.12 -27.37 33.58
C GLN A 580 -15.93 -26.81 32.86
N PRO A 581 -14.75 -26.81 33.51
CA PRO A 581 -13.52 -26.42 32.83
C PRO A 581 -13.13 -27.47 31.78
N LEU A 582 -12.41 -27.07 30.74
CA LEU A 582 -11.94 -28.02 29.74
C LEU A 582 -11.14 -29.20 30.33
N SER A 583 -10.41 -28.93 31.42
CA SER A 583 -9.63 -29.99 32.07
C SER A 583 -10.48 -31.21 32.46
N THR A 584 -11.75 -30.98 32.81
CA THR A 584 -12.67 -32.09 33.11
C THR A 584 -12.77 -33.02 31.91
N TYR A 585 -12.88 -32.42 30.73
CA TYR A 585 -13.09 -33.20 29.52
C TYR A 585 -11.77 -33.76 29.02
N LEU A 586 -10.69 -32.99 29.16
CA LEU A 586 -9.37 -33.54 28.85
C LEU A 586 -9.10 -34.80 29.71
N LYS A 587 -9.38 -34.72 31.01
CA LYS A 587 -9.15 -35.87 31.89
C LYS A 587 -10.03 -37.07 31.52
N GLN A 588 -11.28 -36.81 31.13
CA GLN A 588 -12.21 -37.90 30.74
C GLN A 588 -11.63 -38.75 29.62
N PHE A 589 -10.96 -38.09 28.68
CA PHE A 589 -10.36 -38.77 27.53
C PHE A 589 -8.87 -39.08 27.65
N GLY A 590 -8.36 -39.00 28.88
CA GLY A 590 -7.03 -39.50 29.19
C GLY A 590 -5.88 -38.55 28.93
N LEU A 591 -6.19 -37.27 28.74
CA LEU A 591 -5.19 -36.23 28.53
C LEU A 591 -5.04 -35.38 29.80
N ASP A 592 -3.82 -35.00 30.15
CA ASP A 592 -3.66 -34.04 31.27
C ASP A 592 -3.65 -32.58 30.79
N ASP A 593 -4.00 -31.68 31.70
CA ASP A 593 -3.99 -30.25 31.42
C ASP A 593 -2.54 -29.70 31.40
N THR B 9 19.93 -16.08 28.43
CA THR B 9 18.94 -15.57 29.45
C THR B 9 18.38 -14.16 29.15
N ASN B 10 19.25 -13.14 29.17
CA ASN B 10 18.92 -11.78 28.71
C ASN B 10 19.80 -11.39 27.54
N ILE B 11 19.33 -10.42 26.74
CA ILE B 11 20.11 -9.85 25.63
C ILE B 11 19.81 -8.34 25.62
N LEU B 12 20.78 -7.52 25.25
CA LEU B 12 20.50 -6.09 25.13
C LEU B 12 19.56 -5.90 23.96
N ALA B 13 18.57 -5.02 24.11
CA ALA B 13 17.58 -4.81 23.04
C ALA B 13 18.27 -4.39 21.74
N GLY B 14 19.34 -3.58 21.85
CA GLY B 14 20.10 -3.19 20.66
C GLY B 14 20.76 -4.35 19.93
N ALA B 15 21.29 -5.29 20.69
CA ALA B 15 21.91 -6.50 20.11
C ALA B 15 20.87 -7.32 19.35
N ALA B 16 19.67 -7.43 19.92
CA ALA B 16 18.56 -8.11 19.24
C ALA B 16 18.16 -7.41 17.94
N VAL B 17 18.13 -6.08 17.95
CA VAL B 17 17.86 -5.32 16.74
C VAL B 17 18.86 -5.63 15.61
N ILE B 18 20.14 -5.68 15.95
CA ILE B 18 21.15 -6.01 14.94
C ILE B 18 20.94 -7.45 14.41
N LYS B 19 20.56 -8.36 15.31
CA LYS B 19 20.28 -9.74 14.94
C LYS B 19 19.06 -9.82 14.00
N VAL B 20 18.08 -8.94 14.20
CA VAL B 20 16.94 -8.83 13.24
C VAL B 20 17.44 -8.40 11.86
N LEU B 21 18.28 -7.37 11.82
CA LEU B 21 18.87 -6.95 10.54
C LEU B 21 19.60 -8.10 9.85
N GLU B 22 20.40 -8.85 10.62
CA GLU B 22 21.20 -9.95 10.09
C GLU B 22 20.31 -11.08 9.56
N ALA B 23 19.19 -11.35 10.28
CA ALA B 23 18.24 -12.40 9.86
C ALA B 23 17.64 -12.09 8.49
N TRP B 24 17.38 -10.80 8.25
CA TRP B 24 16.87 -10.34 6.96
C TRP B 24 17.98 -10.16 5.91
N GLY B 25 19.23 -10.44 6.28
CA GLY B 25 20.33 -10.48 5.29
C GLY B 25 20.86 -9.11 4.92
N VAL B 26 20.70 -8.13 5.80
CA VAL B 26 21.26 -6.81 5.56
C VAL B 26 22.80 -6.91 5.65
N ASP B 27 23.48 -6.70 4.52
CA ASP B 27 24.94 -6.81 4.45
C ASP B 27 25.63 -5.55 5.02
N HIS B 28 25.12 -4.39 4.64
CA HIS B 28 25.76 -3.12 5.01
C HIS B 28 24.71 -2.04 5.26
N LEU B 29 25.06 -1.05 6.06
CA LEU B 29 24.14 0.04 6.38
C LEU B 29 24.94 1.31 6.59
N TYR B 30 24.27 2.45 6.48
CA TYR B 30 25.00 3.73 6.42
C TYR B 30 24.51 4.70 7.48
N GLY B 31 25.43 5.51 8.00
CA GLY B 31 25.00 6.60 8.85
C GLY B 31 26.17 7.32 9.48
N ILE B 32 25.81 8.27 10.34
CA ILE B 32 26.78 9.06 11.09
C ILE B 32 26.34 8.99 12.57
N PRO B 33 27.27 8.67 13.48
CA PRO B 33 26.83 8.50 14.87
C PRO B 33 26.52 9.83 15.56
N GLY B 34 25.86 9.77 16.71
CA GLY B 34 25.58 10.94 17.56
C GLY B 34 25.21 10.38 18.91
N GLY B 35 25.21 11.23 19.94
CA GLY B 35 24.81 10.77 21.27
C GLY B 35 23.45 10.10 21.32
N SER B 36 22.52 10.62 20.53
CA SER B 36 21.16 10.11 20.46
C SER B 36 21.02 8.74 19.75
N ILE B 37 22.11 8.25 19.15
CA ILE B 37 22.04 6.93 18.49
C ILE B 37 23.24 6.06 18.86
N ASN B 38 23.95 6.43 19.91
CA ASN B 38 25.13 5.74 20.34
C ASN B 38 24.89 4.32 20.87
N SER B 39 23.67 4.00 21.29
CA SER B 39 23.42 2.65 21.78
C SER B 39 23.21 1.65 20.62
N ILE B 40 22.64 2.12 19.52
CA ILE B 40 22.62 1.35 18.25
C ILE B 40 24.04 1.23 17.69
N MET B 41 24.79 2.31 17.75
CA MET B 41 26.22 2.24 17.40
C MET B 41 26.96 1.15 18.23
N ASP B 42 26.73 1.16 19.53
CA ASP B 42 27.33 0.18 20.44
C ASP B 42 27.03 -1.27 20.01
N ALA B 43 25.79 -1.53 19.59
CA ALA B 43 25.42 -2.88 19.14
C ALA B 43 26.09 -3.25 17.79
N LEU B 44 26.12 -2.30 16.87
CA LEU B 44 26.81 -2.49 15.59
C LEU B 44 28.30 -2.79 15.83
N SER B 45 28.91 -2.09 16.78
CA SER B 45 30.35 -2.28 17.07
C SER B 45 30.70 -3.72 17.49
N ALA B 46 29.78 -4.41 18.17
CA ALA B 46 30.01 -5.81 18.57
C ALA B 46 29.82 -6.81 17.42
N GLU B 47 29.22 -6.36 16.31
CA GLU B 47 28.80 -7.21 15.20
C GLU B 47 29.47 -6.87 13.86
N ARG B 48 30.71 -6.39 13.92
CA ARG B 48 31.44 -5.99 12.72
C ARG B 48 31.74 -7.13 11.75
N ASP B 49 31.82 -8.36 12.25
CA ASP B 49 32.05 -9.51 11.37
C ASP B 49 30.83 -9.85 10.48
N ARG B 50 29.62 -9.60 10.97
CA ARG B 50 28.42 -10.07 10.28
C ARG B 50 27.63 -8.96 9.58
N ILE B 51 27.87 -7.71 9.96
CA ILE B 51 27.18 -6.58 9.34
C ILE B 51 28.14 -5.42 9.20
N HIS B 52 28.16 -4.81 8.02
CA HIS B 52 29.18 -3.82 7.70
C HIS B 52 28.66 -2.40 7.74
N TYR B 53 29.11 -1.69 8.75
CA TYR B 53 28.75 -0.30 8.91
C TYR B 53 29.62 0.59 8.04
N ILE B 54 28.96 1.43 7.26
CA ILE B 54 29.61 2.39 6.38
C ILE B 54 29.38 3.81 6.91
N GLN B 55 30.43 4.41 7.47
CA GLN B 55 30.40 5.81 7.91
C GLN B 55 30.54 6.76 6.73
N VAL B 56 29.43 7.44 6.40
CA VAL B 56 29.39 8.43 5.31
C VAL B 56 29.73 9.80 5.89
N ARG B 57 29.96 10.81 5.03
CA ARG B 57 30.31 12.15 5.51
C ARG B 57 29.13 13.14 5.54
N HIS B 58 28.01 12.74 4.94
CA HIS B 58 26.75 13.50 5.04
C HIS B 58 25.63 12.46 5.00
N GLU B 59 24.68 12.57 5.92
CA GLU B 59 23.64 11.52 6.05
C GLU B 59 22.76 11.36 4.81
N GLU B 60 22.62 12.41 3.97
CA GLU B 60 21.83 12.22 2.74
C GLU B 60 22.46 11.17 1.83
N VAL B 61 23.80 11.10 1.83
CA VAL B 61 24.50 10.11 1.03
C VAL B 61 24.20 8.69 1.53
N GLY B 62 24.14 8.50 2.85
CA GLY B 62 23.70 7.22 3.44
C GLY B 62 22.29 6.81 3.02
N ALA B 63 21.36 7.77 3.08
CA ALA B 63 19.98 7.53 2.59
C ALA B 63 19.89 7.24 1.08
N MET B 64 20.60 8.02 0.27
CA MET B 64 20.61 7.78 -1.18
C MET B 64 21.30 6.44 -1.50
N ALA B 65 22.33 6.07 -0.75
CA ALA B 65 23.00 4.79 -1.00
C ALA B 65 22.12 3.60 -0.57
N ALA B 66 21.36 3.76 0.53
CA ALA B 66 20.36 2.74 0.92
C ALA B 66 19.29 2.54 -0.15
N ALA B 67 18.77 3.63 -0.71
CA ALA B 67 17.80 3.55 -1.82
C ALA B 67 18.42 2.82 -3.01
N ALA B 68 19.66 3.19 -3.34
CA ALA B 68 20.40 2.55 -4.42
C ALA B 68 20.63 1.02 -4.21
N ASP B 69 20.95 0.63 -2.96
CA ASP B 69 21.09 -0.80 -2.62
C ASP B 69 19.84 -1.55 -3.08
N ALA B 70 18.67 -1.01 -2.72
CA ALA B 70 17.38 -1.63 -3.03
C ALA B 70 17.06 -1.57 -4.53
N LYS B 71 17.38 -0.46 -5.18
CA LYS B 71 17.28 -0.36 -6.65
C LYS B 71 18.07 -1.45 -7.36
N LEU B 72 19.30 -1.69 -6.89
CA LEU B 72 20.18 -2.66 -7.52
C LEU B 72 19.84 -4.12 -7.22
N THR B 73 19.53 -4.42 -5.97
CA THR B 73 19.49 -5.81 -5.52
C THR B 73 18.08 -6.29 -5.24
N GLY B 74 17.16 -5.36 -5.02
CA GLY B 74 15.81 -5.72 -4.58
C GLY B 74 15.73 -6.05 -3.09
N LYS B 75 16.85 -5.95 -2.39
CA LYS B 75 16.87 -6.16 -0.94
C LYS B 75 16.83 -4.79 -0.24
N ILE B 76 16.17 -4.74 0.90
CA ILE B 76 16.01 -3.51 1.67
C ILE B 76 17.35 -2.81 1.95
N GLY B 77 17.38 -1.52 1.69
CA GLY B 77 18.50 -0.67 2.11
C GLY B 77 18.25 -0.14 3.51
N VAL B 78 19.33 0.09 4.24
CA VAL B 78 19.22 0.52 5.64
C VAL B 78 20.15 1.71 5.89
N CYS B 79 19.58 2.76 6.46
CA CYS B 79 20.40 3.90 6.83
C CYS B 79 19.94 4.44 8.19
N PHE B 80 20.74 5.34 8.77
CA PHE B 80 20.33 6.00 10.00
C PHE B 80 20.85 7.43 10.13
N GLY B 81 20.25 8.19 11.04
CA GLY B 81 20.68 9.56 11.31
C GLY B 81 20.40 9.83 12.76
N SER B 82 21.27 10.60 13.41
CA SER B 82 21.04 10.99 14.81
C SER B 82 19.85 11.94 14.95
N ALA B 83 19.39 12.15 16.19
CA ALA B 83 18.21 12.99 16.45
C ALA B 83 18.33 14.38 15.82
N GLY B 84 17.21 14.92 15.36
CA GLY B 84 17.20 16.26 14.77
C GLY B 84 17.88 16.25 13.43
N PRO B 85 18.98 17.00 13.30
CA PRO B 85 19.70 17.24 12.03
C PRO B 85 20.26 16.00 11.31
N GLY B 86 20.55 14.93 12.05
CA GLY B 86 21.03 13.70 11.42
C GLY B 86 19.92 13.10 10.59
N GLY B 87 18.76 12.88 11.20
CA GLY B 87 17.62 12.36 10.49
C GLY B 87 17.10 13.28 9.39
N THR B 88 17.01 14.58 9.63
CA THR B 88 16.46 15.47 8.58
C THR B 88 17.35 15.50 7.35
N HIS B 89 18.65 15.30 7.56
CA HIS B 89 19.58 15.12 6.44
C HIS B 89 19.28 13.91 5.51
N LEU B 90 18.60 12.88 6.06
CA LEU B 90 18.21 11.70 5.25
C LEU B 90 17.23 11.99 4.13
N MET B 91 16.50 13.10 4.24
CA MET B 91 15.26 13.30 3.49
C MET B 91 15.36 13.12 1.97
N ASN B 92 16.42 13.60 1.35
CA ASN B 92 16.48 13.51 -0.11
C ASN B 92 16.57 12.06 -0.59
N GLY B 93 17.30 11.25 0.18
CA GLY B 93 17.36 9.79 -0.06
C GLY B 93 16.06 9.06 0.23
N LEU B 94 15.39 9.45 1.31
CA LEU B 94 14.13 8.79 1.68
C LEU B 94 13.01 9.10 0.69
N TYR B 95 12.95 10.34 0.22
CA TYR B 95 11.96 10.72 -0.81
C TYR B 95 12.28 10.02 -2.12
N ASP B 96 13.57 9.85 -2.41
CA ASP B 96 13.99 9.11 -3.59
C ASP B 96 13.47 7.65 -3.50
N ALA B 97 13.66 7.03 -2.35
CA ALA B 97 13.18 5.67 -2.14
C ALA B 97 11.66 5.59 -2.27
N ARG B 98 10.95 6.57 -1.73
CA ARG B 98 9.49 6.55 -1.81
C ARG B 98 9.04 6.66 -3.26
N GLU B 99 9.58 7.65 -3.98
CA GLU B 99 9.15 7.92 -5.35
C GLU B 99 9.59 6.81 -6.33
N ASP B 100 10.76 6.22 -6.09
CA ASP B 100 11.25 5.09 -6.88
C ASP B 100 10.79 3.74 -6.33
N HIS B 101 9.91 3.81 -5.34
CA HIS B 101 9.24 2.66 -4.73
C HIS B 101 10.16 1.46 -4.46
N VAL B 102 11.19 1.71 -3.64
CA VAL B 102 12.09 0.67 -3.18
C VAL B 102 12.13 0.64 -1.65
N PRO B 103 12.33 -0.57 -1.08
CA PRO B 103 12.36 -0.77 0.36
C PRO B 103 13.59 -0.18 1.05
N VAL B 104 13.31 0.71 2.00
CA VAL B 104 14.36 1.31 2.83
C VAL B 104 13.91 1.41 4.29
N LEU B 105 14.81 1.04 5.18
CA LEU B 105 14.59 1.22 6.62
C LEU B 105 15.48 2.36 7.06
N ALA B 106 14.90 3.35 7.73
CA ALA B 106 15.66 4.45 8.29
C ALA B 106 15.50 4.47 9.80
N LEU B 107 16.62 4.43 10.52
CA LEU B 107 16.59 4.57 11.96
C LEU B 107 16.96 5.99 12.34
N ILE B 108 16.16 6.59 13.22
CA ILE B 108 16.36 7.97 13.67
C ILE B 108 16.67 7.96 15.18
N GLY B 109 17.78 8.60 15.54
CA GLY B 109 18.08 8.87 16.96
C GLY B 109 16.99 9.67 17.66
N GLN B 110 16.86 9.46 18.96
CA GLN B 110 15.97 10.28 19.79
C GLN B 110 16.58 10.31 21.21
N PHE B 111 16.30 11.37 21.96
CA PHE B 111 16.75 11.51 23.34
C PHE B 111 16.11 10.39 24.14
N GLY B 112 16.70 9.97 25.25
CA GLY B 112 16.12 8.89 26.06
C GLY B 112 14.72 9.23 26.55
N THR B 113 13.91 8.21 26.81
CA THR B 113 12.52 8.41 27.27
C THR B 113 12.35 9.26 28.54
N THR B 114 13.41 9.36 29.36
CA THR B 114 13.34 10.16 30.58
C THR B 114 13.47 11.64 30.29
N GLY B 115 13.98 11.98 29.11
CA GLY B 115 14.14 13.38 28.71
C GLY B 115 13.27 13.86 27.57
N MET B 116 12.62 12.93 26.86
CA MET B 116 11.68 13.32 25.80
C MET B 116 10.61 14.25 26.38
N ASN B 117 10.20 15.23 25.59
CA ASN B 117 9.13 16.19 25.95
C ASN B 117 9.54 17.11 27.10
N MET B 118 10.84 17.22 27.38
CA MET B 118 11.34 18.18 28.37
C MET B 118 11.90 19.45 27.72
N ASP B 119 11.83 19.52 26.40
CA ASP B 119 12.47 20.58 25.61
C ASP B 119 13.94 20.68 25.95
N THR B 120 14.63 19.53 25.83
CA THR B 120 16.03 19.50 26.07
C THR B 120 16.83 19.61 24.75
N PHE B 121 18.14 19.42 24.82
CA PHE B 121 19.04 19.68 23.70
C PHE B 121 18.74 18.75 22.55
N GLN B 122 18.56 19.31 21.34
CA GLN B 122 18.30 18.51 20.14
C GLN B 122 17.13 17.54 20.33
N GLU B 123 16.19 17.90 21.20
CA GLU B 123 15.08 17.03 21.53
C GLU B 123 13.76 17.65 21.06
N MET B 124 13.02 16.90 20.25
CA MET B 124 11.78 17.41 19.67
C MET B 124 10.92 16.22 19.37
N ASN B 125 9.65 16.46 19.07
CA ASN B 125 8.79 15.40 18.65
C ASN B 125 9.18 15.10 17.18
N GLU B 126 9.89 13.98 16.97
CA GLU B 126 10.40 13.67 15.64
C GLU B 126 9.40 12.92 14.75
N ASN B 127 8.30 12.44 15.34
CA ASN B 127 7.38 11.64 14.56
C ASN B 127 6.76 12.39 13.36
N PRO B 128 6.32 13.65 13.55
CA PRO B 128 5.74 14.37 12.40
C PRO B 128 6.71 14.67 11.25
N ILE B 129 8.01 14.66 11.51
CA ILE B 129 9.01 14.96 10.48
C ILE B 129 8.89 13.95 9.32
N TYR B 130 8.66 12.68 9.67
CA TYR B 130 8.71 11.56 8.70
C TYR B 130 7.34 11.05 8.25
N ALA B 131 6.26 11.65 8.74
CA ALA B 131 4.90 11.20 8.39
C ALA B 131 4.61 11.18 6.88
N ASP B 132 5.06 12.20 6.15
CA ASP B 132 4.79 12.25 4.71
C ASP B 132 5.58 11.23 3.88
N VAL B 133 6.87 11.10 4.15
CA VAL B 133 7.74 10.26 3.32
C VAL B 133 7.51 8.76 3.55
N ALA B 134 7.02 8.41 4.75
CA ALA B 134 7.10 7.04 5.22
C ALA B 134 5.80 6.24 5.07
N ASP B 135 5.94 4.99 4.67
CA ASP B 135 4.86 4.05 4.69
C ASP B 135 4.57 3.63 6.14
N TYR B 136 5.63 3.55 6.95
CA TYR B 136 5.51 3.14 8.35
C TYR B 136 6.39 4.09 9.14
N ASN B 137 5.84 4.69 10.19
CA ASN B 137 6.50 5.79 10.87
C ASN B 137 6.16 5.83 12.34
N VAL B 138 7.03 5.28 13.18
CA VAL B 138 6.72 5.10 14.60
C VAL B 138 7.91 5.45 15.51
N THR B 139 7.58 5.97 16.69
CA THR B 139 8.54 6.15 17.77
C THR B 139 8.42 4.97 18.71
N ALA B 140 9.52 4.23 18.87
CA ALA B 140 9.56 3.13 19.83
C ALA B 140 9.54 3.66 21.27
N VAL B 141 8.82 2.96 22.15
CA VAL B 141 8.65 3.38 23.54
C VAL B 141 8.89 2.27 24.56
N ASN B 142 9.31 1.10 24.08
CA ASN B 142 9.57 -0.05 24.94
C ASN B 142 10.75 -0.87 24.37
N ALA B 143 11.67 -1.33 25.23
CA ALA B 143 12.81 -2.17 24.78
C ALA B 143 12.42 -3.57 24.32
N ALA B 144 11.56 -4.25 25.09
CA ALA B 144 11.17 -5.63 24.81
C ALA B 144 10.49 -5.81 23.46
N THR B 145 9.71 -4.81 23.02
CA THR B 145 9.11 -4.86 21.68
C THR B 145 9.96 -4.21 20.59
N LEU B 146 11.11 -3.63 20.93
CA LEU B 146 11.93 -2.97 19.88
C LEU B 146 12.32 -3.92 18.71
N PRO B 147 12.83 -5.15 19.01
CA PRO B 147 13.09 -6.05 17.85
C PRO B 147 11.86 -6.29 16.97
N HIS B 148 10.68 -6.44 17.59
CA HIS B 148 9.46 -6.62 16.78
C HIS B 148 9.18 -5.40 15.91
N VAL B 149 9.38 -4.19 16.47
CA VAL B 149 9.08 -2.97 15.72
C VAL B 149 10.01 -2.86 14.52
N ILE B 150 11.28 -3.24 14.69
CA ILE B 150 12.25 -3.25 13.58
C ILE B 150 11.87 -4.27 12.49
N ASP B 151 11.46 -5.46 12.94
CA ASP B 151 11.01 -6.53 12.06
C ASP B 151 9.76 -6.12 11.28
N GLU B 152 8.81 -5.47 11.98
CA GLU B 152 7.58 -4.93 11.36
C GLU B 152 7.88 -3.90 10.28
N ALA B 153 8.80 -2.99 10.62
CA ALA B 153 9.27 -1.94 9.73
C ALA B 153 9.84 -2.54 8.42
N ILE B 154 10.71 -3.54 8.57
CA ILE B 154 11.30 -4.22 7.42
C ILE B 154 10.26 -4.93 6.56
N ARG B 155 9.38 -5.68 7.22
CA ARG B 155 8.36 -6.47 6.54
C ARG B 155 7.39 -5.56 5.76
N ARG B 156 7.03 -4.42 6.35
CA ARG B 156 6.18 -3.44 5.69
C ARG B 156 6.89 -2.73 4.52
N ALA B 157 8.17 -2.39 4.70
CA ALA B 157 8.93 -1.71 3.66
C ALA B 157 8.99 -2.57 2.38
N TYR B 158 9.25 -3.87 2.55
CA TYR B 158 9.20 -4.84 1.45
C TYR B 158 7.79 -4.99 0.85
N ALA B 159 6.80 -5.23 1.72
CA ALA B 159 5.43 -5.48 1.26
C ALA B 159 4.87 -4.30 0.49
N HIS B 160 5.18 -3.10 0.99
CA HIS B 160 4.61 -1.87 0.45
C HIS B 160 5.59 -1.12 -0.48
N GLN B 161 6.78 -1.66 -0.66
CA GLN B 161 7.83 -1.08 -1.52
C GLN B 161 8.04 0.42 -1.25
N GLY B 162 8.43 0.73 -0.02
CA GLY B 162 8.71 2.09 0.37
C GLY B 162 9.51 2.19 1.66
N VAL B 163 9.42 3.35 2.29
CA VAL B 163 10.27 3.72 3.42
C VAL B 163 9.59 3.41 4.75
N ALA B 164 10.32 2.73 5.63
CA ALA B 164 9.87 2.54 7.02
C ALA B 164 10.83 3.30 7.91
N VAL B 165 10.28 4.12 8.81
CA VAL B 165 11.07 4.96 9.69
C VAL B 165 10.76 4.60 11.13
N VAL B 166 11.80 4.38 11.94
CA VAL B 166 11.62 4.10 13.37
C VAL B 166 12.50 5.08 14.16
N GLN B 167 11.85 5.90 14.98
CA GLN B 167 12.56 6.77 15.92
C GLN B 167 12.85 5.99 17.22
N ILE B 168 14.12 5.97 17.63
CA ILE B 168 14.53 5.13 18.76
C ILE B 168 15.13 5.95 19.91
N PRO B 169 14.39 6.09 21.03
CA PRO B 169 14.96 6.72 22.23
C PRO B 169 16.19 5.97 22.64
N VAL B 170 17.27 6.69 22.88
CA VAL B 170 18.60 6.09 22.98
C VAL B 170 18.78 5.15 24.18
N ASP B 171 17.95 5.31 25.20
CA ASP B 171 17.98 4.42 26.35
C ASP B 171 17.54 3.00 26.02
N LEU B 172 16.57 2.85 25.11
CA LEU B 172 15.99 1.51 24.88
C LEU B 172 16.99 0.41 24.45
N PRO B 173 17.86 0.67 23.45
CA PRO B 173 18.83 -0.36 23.00
C PRO B 173 19.88 -0.82 24.02
N TRP B 174 20.03 -0.06 25.11
CA TRP B 174 20.86 -0.48 26.24
C TRP B 174 20.12 -1.25 27.35
N GLN B 175 18.80 -1.41 27.23
CA GLN B 175 18.07 -2.19 28.24
C GLN B 175 18.11 -3.69 27.93
N GLN B 176 18.33 -4.50 28.96
CA GLN B 176 18.25 -5.97 28.84
C GLN B 176 16.78 -6.38 28.62
N ILE B 177 16.58 -7.35 27.74
CA ILE B 177 15.27 -7.97 27.49
C ILE B 177 15.49 -9.50 27.50
N PRO B 178 14.42 -10.30 27.74
CA PRO B 178 14.58 -11.77 27.73
C PRO B 178 15.17 -12.24 26.41
N ALA B 179 16.17 -13.13 26.46
CA ALA B 179 16.87 -13.57 25.25
C ALA B 179 15.97 -14.41 24.33
N GLU B 180 14.93 -15.01 24.91
CA GLU B 180 14.15 -16.03 24.20
C GLU B 180 12.88 -15.49 23.54
N ASP B 181 12.50 -14.25 23.85
CA ASP B 181 11.23 -13.73 23.36
C ASP B 181 11.25 -13.15 21.93
N TRP B 182 12.29 -12.39 21.60
CA TRP B 182 12.37 -11.71 20.29
C TRP B 182 12.59 -12.72 19.14
N TYR B 183 12.07 -12.39 17.96
CA TYR B 183 12.37 -13.14 16.75
C TYR B 183 12.33 -12.21 15.54
N ALA B 184 12.84 -12.72 14.42
CA ALA B 184 12.71 -12.07 13.11
C ALA B 184 11.79 -12.91 12.25
N SER B 185 11.02 -12.25 11.37
CA SER B 185 10.16 -12.97 10.42
C SER B 185 10.77 -13.10 9.02
N ALA B 186 12.07 -12.94 8.90
CA ALA B 186 12.74 -13.08 7.62
C ALA B 186 12.48 -14.47 7.04
N ASN B 187 12.40 -15.48 7.91
CA ASN B 187 12.17 -16.88 7.49
C ASN B 187 10.84 -17.09 6.75
N SER B 188 9.86 -16.21 7.00
CA SER B 188 8.55 -16.33 6.33
C SER B 188 8.51 -15.65 4.97
N TYR B 189 9.53 -14.86 4.66
CA TYR B 189 9.49 -14.04 3.48
C TYR B 189 9.49 -14.88 2.20
N GLN B 190 8.57 -14.56 1.28
CA GLN B 190 8.57 -15.20 -0.04
C GLN B 190 7.99 -14.30 -1.11
N THR B 191 8.11 -14.72 -2.37
CA THR B 191 7.43 -14.04 -3.45
C THR B 191 6.25 -14.88 -3.94
N PRO B 192 5.15 -14.21 -4.37
CA PRO B 192 3.94 -14.97 -4.73
C PRO B 192 4.09 -15.78 -6.03
N LEU B 193 3.36 -16.89 -6.09
CA LEU B 193 3.17 -17.67 -7.30
C LEU B 193 1.90 -17.14 -7.96
N LEU B 194 2.02 -16.52 -9.13
CA LEU B 194 0.87 -15.93 -9.83
C LEU B 194 0.16 -16.89 -10.78
N PRO B 195 -1.17 -16.74 -10.96
CA PRO B 195 -1.86 -17.55 -11.96
C PRO B 195 -1.36 -17.16 -13.35
N GLU B 196 -1.71 -17.91 -14.38
CA GLU B 196 -1.22 -17.52 -15.70
C GLU B 196 -2.06 -16.34 -16.21
N PRO B 197 -1.47 -15.49 -17.09
CA PRO B 197 -2.17 -14.31 -17.62
C PRO B 197 -3.53 -14.70 -18.17
N ASP B 198 -4.49 -13.85 -17.87
CA ASP B 198 -5.87 -14.04 -18.28
C ASP B 198 -5.95 -14.37 -19.78
N VAL B 199 -6.30 -15.61 -20.11
CA VAL B 199 -6.16 -16.13 -21.49
C VAL B 199 -6.97 -15.36 -22.56
N GLN B 200 -8.23 -15.09 -22.26
CA GLN B 200 -9.11 -14.47 -23.25
C GLN B 200 -8.79 -12.99 -23.44
N ALA B 201 -8.30 -12.34 -22.37
CA ALA B 201 -7.91 -10.94 -22.44
C ALA B 201 -6.64 -10.80 -23.26
N VAL B 202 -5.72 -11.76 -23.08
CA VAL B 202 -4.45 -11.73 -23.80
C VAL B 202 -4.69 -11.97 -25.29
N THR B 203 -5.56 -12.93 -25.60
CA THR B 203 -5.94 -13.18 -26.99
C THR B 203 -6.54 -11.93 -27.66
N ARG B 204 -7.44 -11.25 -26.97
CA ARG B 204 -8.03 -10.05 -27.53
C ARG B 204 -7.04 -8.89 -27.70
N LEU B 205 -6.17 -8.70 -26.71
CA LEU B 205 -5.14 -7.67 -26.77
C LEU B 205 -4.20 -7.94 -27.97
N THR B 206 -3.86 -9.21 -28.16
CA THR B 206 -3.02 -9.62 -29.29
C THR B 206 -3.66 -9.29 -30.66
N GLN B 207 -4.95 -9.60 -30.80
CA GLN B 207 -5.64 -9.29 -32.06
C GLN B 207 -5.58 -7.82 -32.34
N THR B 208 -5.75 -6.98 -31.32
CA THR B 208 -5.83 -5.55 -31.54
C THR B 208 -4.48 -5.03 -31.96
N LEU B 209 -3.43 -5.56 -31.35
CA LEU B 209 -2.06 -5.15 -31.65
C LEU B 209 -1.69 -5.52 -33.09
N LEU B 210 -2.04 -6.73 -33.49
CA LEU B 210 -1.74 -7.22 -34.83
C LEU B 210 -2.53 -6.53 -35.94
N ALA B 211 -3.77 -6.15 -35.65
CA ALA B 211 -4.61 -5.41 -36.60
C ALA B 211 -4.09 -3.98 -36.91
N ALA B 212 -3.25 -3.44 -36.03
CA ALA B 212 -2.74 -2.08 -36.21
C ALA B 212 -1.86 -1.91 -37.46
N GLU B 213 -1.89 -0.71 -38.03
CA GLU B 213 -1.05 -0.39 -39.17
C GLU B 213 0.28 0.20 -38.73
N ARG B 214 0.27 0.88 -37.58
CA ARG B 214 1.47 1.54 -37.07
C ARG B 214 1.63 1.24 -35.56
N PRO B 215 1.83 -0.04 -35.20
CA PRO B 215 1.94 -0.46 -33.80
C PRO B 215 3.29 -0.03 -33.16
N LEU B 216 3.24 0.20 -31.85
CA LEU B 216 4.45 0.28 -31.01
C LEU B 216 4.26 -0.49 -29.71
N ILE B 217 5.34 -1.07 -29.24
CA ILE B 217 5.38 -1.61 -27.90
C ILE B 217 6.23 -0.66 -27.08
N TYR B 218 5.65 -0.15 -26.00
CA TYR B 218 6.25 0.89 -25.18
C TYR B 218 6.37 0.39 -23.76
N TYR B 219 7.57 -0.06 -23.35
CA TYR B 219 7.71 -0.71 -22.04
C TYR B 219 8.49 0.14 -21.03
N GLY B 220 8.22 -0.10 -19.76
CA GLY B 220 9.02 0.51 -18.71
C GLY B 220 9.68 -0.60 -17.92
N ILE B 221 10.17 -0.26 -16.72
CA ILE B 221 10.95 -1.22 -15.95
C ILE B 221 10.14 -2.39 -15.33
N GLY B 222 8.81 -2.29 -15.35
CA GLY B 222 7.97 -3.46 -15.04
C GLY B 222 8.22 -4.64 -15.99
N ALA B 223 8.79 -4.35 -17.16
CA ALA B 223 9.18 -5.37 -18.13
C ALA B 223 10.64 -5.81 -18.02
N ARG B 224 11.30 -5.53 -16.89
CA ARG B 224 12.71 -5.84 -16.74
C ARG B 224 13.06 -7.32 -16.89
N LYS B 225 12.13 -8.23 -16.57
CA LYS B 225 12.42 -9.66 -16.79
C LYS B 225 12.10 -10.12 -18.22
N ALA B 226 11.59 -9.21 -19.05
CA ALA B 226 11.03 -9.61 -20.34
C ALA B 226 11.82 -9.15 -21.57
N GLY B 227 13.10 -8.83 -21.41
CA GLY B 227 13.93 -8.39 -22.54
C GLY B 227 13.91 -9.33 -23.74
N LYS B 228 14.08 -10.62 -23.49
CA LYS B 228 14.06 -11.65 -24.53
C LYS B 228 12.73 -11.63 -25.33
N GLU B 229 11.61 -11.63 -24.61
CA GLU B 229 10.30 -11.66 -25.25
C GLU B 229 10.01 -10.38 -26.03
N LEU B 230 10.39 -9.23 -25.46
CA LEU B 230 10.21 -7.95 -26.13
C LEU B 230 10.90 -7.93 -27.48
N GLU B 231 12.18 -8.32 -27.48
CA GLU B 231 12.97 -8.28 -28.72
C GLU B 231 12.46 -9.31 -29.75
N GLN B 232 12.09 -10.51 -29.30
CA GLN B 232 11.53 -11.51 -30.21
C GLN B 232 10.17 -11.10 -30.76
N LEU B 233 9.28 -10.57 -29.92
CA LEU B 233 8.01 -10.04 -30.43
C LEU B 233 8.25 -8.96 -31.49
N SER B 234 9.13 -8.02 -31.18
CA SER B 234 9.50 -6.98 -32.13
C SER B 234 9.95 -7.58 -33.47
N LYS B 235 10.91 -8.50 -33.41
CA LYS B 235 11.53 -9.05 -34.64
C LYS B 235 10.50 -9.85 -35.47
N THR B 236 9.71 -10.66 -34.77
CA THR B 236 8.73 -11.56 -35.39
C THR B 236 7.58 -10.78 -36.02
N LEU B 237 7.00 -9.86 -35.23
CA LEU B 237 5.83 -9.12 -35.69
C LEU B 237 6.17 -7.83 -36.46
N LYS B 238 7.45 -7.45 -36.50
CA LYS B 238 7.89 -6.20 -37.17
C LYS B 238 7.27 -4.97 -36.48
N ILE B 239 7.42 -4.92 -35.17
CA ILE B 239 6.86 -3.83 -34.36
C ILE B 239 8.01 -3.16 -33.63
N PRO B 240 8.27 -1.86 -33.92
CA PRO B 240 9.37 -1.16 -33.24
C PRO B 240 9.16 -1.11 -31.73
N LEU B 241 10.27 -1.00 -30.99
CA LEU B 241 10.26 -0.92 -29.53
C LEU B 241 10.64 0.49 -29.07
N MET B 242 9.94 0.97 -28.05
CA MET B 242 10.41 2.16 -27.34
C MET B 242 10.23 1.94 -25.84
N SER B 243 10.96 2.71 -25.02
CA SER B 243 10.91 2.47 -23.59
C SER B 243 10.87 3.77 -22.80
N THR B 244 10.64 3.66 -21.51
CA THR B 244 10.90 4.76 -20.60
C THR B 244 12.42 4.88 -20.54
N TYR B 245 12.90 6.05 -20.15
CA TYR B 245 14.36 6.18 -19.99
C TYR B 245 14.94 5.10 -19.04
N PRO B 246 14.37 4.92 -17.82
CA PRO B 246 14.98 3.92 -16.95
C PRO B 246 15.01 2.48 -17.52
N ALA B 247 14.11 2.19 -18.47
CA ALA B 247 14.06 0.88 -19.13
C ALA B 247 15.08 0.70 -20.25
N LYS B 248 15.89 1.72 -20.52
CA LYS B 248 17.07 1.55 -21.39
C LYS B 248 17.93 0.37 -20.89
N GLY B 249 18.38 -0.49 -21.81
CA GLY B 249 19.23 -1.61 -21.44
C GLY B 249 18.52 -2.95 -21.26
N ILE B 250 17.22 -2.91 -21.00
CA ILE B 250 16.41 -4.16 -20.94
C ILE B 250 16.48 -4.91 -22.29
N VAL B 251 16.38 -4.15 -23.38
CA VAL B 251 16.73 -4.64 -24.72
C VAL B 251 18.01 -3.92 -25.08
N ALA B 252 18.97 -4.65 -25.64
CA ALA B 252 20.28 -4.04 -26.00
C ALA B 252 20.02 -2.81 -26.87
N ASP B 253 20.75 -1.73 -26.58
CA ASP B 253 20.70 -0.52 -27.39
C ASP B 253 21.03 -0.76 -28.86
N ARG B 254 21.91 -1.71 -29.14
CA ARG B 254 22.27 -2.02 -30.54
C ARG B 254 21.13 -2.60 -31.40
N TYR B 255 20.08 -3.13 -30.75
CA TYR B 255 18.94 -3.68 -31.50
C TYR B 255 18.39 -2.64 -32.50
N PRO B 256 18.44 -2.95 -33.82
CA PRO B 256 18.08 -1.97 -34.85
C PRO B 256 16.69 -1.34 -34.78
N ALA B 257 15.72 -1.97 -34.08
CA ALA B 257 14.37 -1.37 -33.98
C ALA B 257 14.01 -0.83 -32.59
N TYR B 258 15.04 -0.63 -31.77
CA TYR B 258 14.85 0.09 -30.49
C TYR B 258 14.90 1.60 -30.76
N LEU B 259 13.79 2.28 -30.52
CA LEU B 259 13.66 3.69 -30.88
C LEU B 259 14.22 4.65 -29.82
N GLY B 260 14.33 4.18 -28.59
CA GLY B 260 14.78 5.01 -27.49
C GLY B 260 13.58 5.39 -26.64
N SER B 261 13.70 6.49 -25.91
CA SER B 261 12.66 6.97 -25.02
C SER B 261 12.08 8.27 -25.55
N ALA B 262 10.95 8.68 -24.99
CA ALA B 262 10.20 9.83 -25.43
C ALA B 262 10.38 11.03 -24.49
N ASN B 263 9.83 12.17 -24.90
CA ASN B 263 9.87 13.46 -24.18
C ASN B 263 11.23 14.15 -24.31
N ARG B 264 11.94 14.31 -23.19
CA ARG B 264 13.17 15.11 -23.17
C ARG B 264 14.43 14.27 -22.88
N VAL B 265 14.41 13.38 -21.88
CA VAL B 265 15.47 12.38 -21.77
C VAL B 265 15.03 11.31 -22.75
N ALA B 266 15.41 11.54 -24.01
CA ALA B 266 14.66 10.99 -25.13
C ALA B 266 15.50 10.91 -26.36
N GLN B 267 15.01 10.13 -27.32
CA GLN B 267 15.69 9.97 -28.60
C GLN B 267 14.70 10.34 -29.70
N LYS B 268 15.19 11.02 -30.75
CA LYS B 268 14.32 11.49 -31.84
C LYS B 268 13.36 10.42 -32.41
N PRO B 269 13.87 9.20 -32.71
CA PRO B 269 12.96 8.22 -33.32
C PRO B 269 11.72 7.85 -32.49
N ALA B 270 11.85 7.82 -31.15
CA ALA B 270 10.75 7.41 -30.27
C ALA B 270 9.70 8.49 -30.27
N ASN B 271 10.14 9.75 -30.15
CA ASN B 271 9.19 10.88 -30.21
C ASN B 271 8.40 10.92 -31.52
N GLU B 272 9.11 10.79 -32.64
CA GLU B 272 8.48 10.85 -33.95
C GLU B 272 7.52 9.70 -34.17
N ALA B 273 7.99 8.49 -33.86
CA ALA B 273 7.15 7.29 -34.07
C ALA B 273 5.89 7.31 -33.20
N LEU B 274 6.02 7.72 -31.94
CA LEU B 274 4.88 7.77 -31.02
C LEU B 274 3.75 8.65 -31.55
N ALA B 275 4.13 9.79 -32.15
CA ALA B 275 3.18 10.77 -32.69
C ALA B 275 2.37 10.18 -33.85
N GLN B 276 2.96 9.20 -34.54
CA GLN B 276 2.32 8.50 -35.67
C GLN B 276 1.59 7.20 -35.33
N ALA B 277 1.91 6.58 -34.20
CA ALA B 277 1.36 5.25 -33.88
C ALA B 277 -0.17 5.24 -33.77
N ASP B 278 -0.81 4.18 -34.29
CA ASP B 278 -2.25 4.02 -34.12
C ASP B 278 -2.60 3.11 -32.93
N VAL B 279 -1.70 2.18 -32.60
CA VAL B 279 -1.90 1.30 -31.45
C VAL B 279 -0.61 1.22 -30.62
N VAL B 280 -0.75 1.41 -29.31
CA VAL B 280 0.39 1.33 -28.41
C VAL B 280 0.06 0.27 -27.37
N LEU B 281 0.99 -0.68 -27.21
CA LEU B 281 1.00 -1.64 -26.11
C LEU B 281 1.95 -1.11 -25.02
N PHE B 282 1.35 -0.70 -23.92
CA PHE B 282 1.99 0.03 -22.81
C PHE B 282 2.20 -1.02 -21.74
N VAL B 283 3.46 -1.42 -21.51
CA VAL B 283 3.70 -2.58 -20.62
C VAL B 283 4.68 -2.27 -19.48
N GLY B 284 4.23 -2.50 -18.25
CA GLY B 284 5.08 -2.28 -17.07
C GLY B 284 5.61 -0.86 -17.09
N ASN B 285 4.70 0.09 -17.32
CA ASN B 285 5.08 1.45 -17.67
C ASN B 285 4.22 2.43 -16.88
N ASN B 286 4.84 3.36 -16.17
CA ASN B 286 4.12 4.45 -15.51
C ASN B 286 4.67 5.84 -15.86
N TYR B 287 5.08 5.95 -17.13
CA TYR B 287 5.53 7.20 -17.76
C TYR B 287 4.85 8.48 -17.26
N PRO B 288 5.58 9.32 -16.50
CA PRO B 288 4.89 10.45 -15.86
C PRO B 288 4.54 11.65 -16.77
N PHE B 289 4.98 11.61 -18.03
CA PHE B 289 4.67 12.69 -18.97
C PHE B 289 3.48 12.39 -19.88
N ALA B 290 2.81 11.24 -19.66
CA ALA B 290 1.75 10.79 -20.57
C ALA B 290 0.71 11.88 -20.81
N GLU B 291 0.05 12.31 -19.73
CA GLU B 291 -1.02 13.27 -19.82
C GLU B 291 -0.49 14.68 -20.13
N VAL B 292 0.49 15.14 -19.36
CA VAL B 292 0.95 16.53 -19.52
C VAL B 292 1.55 16.84 -20.91
N SER B 293 2.13 15.83 -21.55
CA SER B 293 2.69 15.99 -22.88
C SER B 293 1.73 15.56 -23.98
N LYS B 294 0.54 15.09 -23.61
CA LYS B 294 -0.46 14.63 -24.59
C LYS B 294 0.13 13.55 -25.52
N ALA B 295 0.97 12.68 -24.93
CA ALA B 295 1.74 11.69 -25.69
C ALA B 295 0.90 10.80 -26.59
N PHE B 296 -0.31 10.48 -26.13
CA PHE B 296 -1.19 9.53 -26.80
C PHE B 296 -2.43 10.16 -27.44
N LYS B 297 -2.39 11.46 -27.65
CA LYS B 297 -3.54 12.18 -28.21
C LYS B 297 -3.98 11.66 -29.60
N ASN B 298 -3.08 11.02 -30.34
CA ASN B 298 -3.42 10.54 -31.70
C ASN B 298 -3.61 9.03 -31.72
N THR B 299 -3.39 8.37 -30.60
CA THR B 299 -3.47 6.92 -30.54
C THR B 299 -4.93 6.47 -30.65
N ARG B 300 -5.16 5.49 -31.51
CA ARG B 300 -6.50 4.96 -31.68
C ARG B 300 -6.85 3.93 -30.59
N TYR B 301 -5.97 2.94 -30.38
CA TYR B 301 -6.21 1.93 -29.34
C TYR B 301 -5.02 1.86 -28.40
N PHE B 302 -5.32 1.80 -27.11
CA PHE B 302 -4.27 1.82 -26.09
C PHE B 302 -4.45 0.55 -25.29
N LEU B 303 -3.41 -0.29 -25.30
CA LEU B 303 -3.45 -1.60 -24.63
C LEU B 303 -2.45 -1.60 -23.48
N GLN B 304 -2.80 -2.25 -22.38
CA GLN B 304 -1.91 -2.19 -21.21
C GLN B 304 -1.69 -3.54 -20.56
N ILE B 305 -0.45 -3.76 -20.10
CA ILE B 305 -0.15 -4.87 -19.22
C ILE B 305 0.56 -4.33 -17.98
N ASP B 306 -0.03 -4.55 -16.80
CA ASP B 306 0.62 -4.10 -15.57
C ASP B 306 0.25 -5.04 -14.43
N ILE B 307 1.14 -5.16 -13.46
CA ILE B 307 0.94 -6.03 -12.30
C ILE B 307 0.17 -5.34 -11.17
N ASP B 308 0.08 -4.01 -11.23
CA ASP B 308 -0.55 -3.22 -10.15
C ASP B 308 -1.94 -2.69 -10.56
N PRO B 309 -3.02 -3.12 -9.85
CA PRO B 309 -4.35 -2.61 -10.17
C PRO B 309 -4.46 -1.09 -10.15
N ALA B 310 -3.66 -0.43 -9.32
CA ALA B 310 -3.71 1.05 -9.22
C ALA B 310 -3.26 1.75 -10.51
N LYS B 311 -2.61 0.99 -11.41
CA LYS B 311 -2.10 1.56 -12.66
C LYS B 311 -3.04 1.35 -13.85
N LEU B 312 -4.07 0.51 -13.68
CA LEU B 312 -4.91 0.08 -14.81
C LEU B 312 -5.75 1.22 -15.35
N GLY B 313 -5.49 1.60 -16.60
CA GLY B 313 -6.13 2.78 -17.22
C GLY B 313 -5.70 4.10 -16.62
N LYS B 314 -4.56 4.11 -15.92
CA LYS B 314 -4.09 5.34 -15.25
C LYS B 314 -3.67 6.47 -16.20
N ARG B 315 -2.84 6.14 -17.19
CA ARG B 315 -2.14 7.16 -17.97
C ARG B 315 -2.86 7.60 -19.23
N HIS B 316 -3.87 6.81 -19.62
CA HIS B 316 -4.66 7.08 -20.82
C HIS B 316 -5.84 6.15 -20.83
N LYS B 317 -6.94 6.61 -21.42
CA LYS B 317 -8.11 5.74 -21.60
C LYS B 317 -7.67 4.48 -22.32
N THR B 318 -7.93 3.35 -21.70
CA THR B 318 -7.32 2.10 -22.09
C THR B 318 -8.41 1.16 -22.59
N ASP B 319 -8.18 0.60 -23.79
CA ASP B 319 -9.14 -0.30 -24.43
C ASP B 319 -9.14 -1.67 -23.83
N ILE B 320 -7.94 -2.23 -23.57
CA ILE B 320 -7.79 -3.48 -22.87
C ILE B 320 -6.62 -3.34 -21.90
N ALA B 321 -6.87 -3.55 -20.61
CA ALA B 321 -5.84 -3.56 -19.59
C ALA B 321 -5.77 -4.95 -18.96
N VAL B 322 -4.64 -5.63 -19.14
CA VAL B 322 -4.47 -6.96 -18.55
C VAL B 322 -3.70 -6.82 -17.25
N LEU B 323 -4.30 -7.28 -16.15
CA LEU B 323 -3.59 -7.33 -14.88
C LEU B 323 -2.82 -8.64 -14.82
N ALA B 324 -1.49 -8.54 -14.90
CA ALA B 324 -0.63 -9.70 -15.04
C ALA B 324 0.84 -9.32 -15.00
N ASP B 325 1.69 -10.33 -14.79
CA ASP B 325 3.14 -10.16 -14.94
C ASP B 325 3.52 -9.87 -16.39
N ALA B 326 4.37 -8.87 -16.61
CA ALA B 326 4.79 -8.51 -17.96
C ALA B 326 5.42 -9.67 -18.73
N GLN B 327 6.41 -10.35 -18.13
CA GLN B 327 7.14 -11.40 -18.87
C GLN B 327 6.25 -12.58 -19.22
N LYS B 328 5.45 -13.05 -18.26
CA LYS B 328 4.52 -14.15 -18.50
C LYS B 328 3.56 -13.78 -19.63
N THR B 329 3.06 -12.55 -19.64
CA THR B 329 2.06 -12.11 -20.62
C THR B 329 2.68 -11.97 -22.00
N LEU B 330 3.86 -11.36 -22.08
CA LEU B 330 4.54 -11.24 -23.36
C LEU B 330 4.97 -12.60 -23.91
N ALA B 331 5.31 -13.54 -23.02
CA ALA B 331 5.60 -14.91 -23.46
C ALA B 331 4.35 -15.56 -24.02
N ALA B 332 3.21 -15.30 -23.39
CA ALA B 332 1.94 -15.86 -23.81
C ALA B 332 1.52 -15.27 -25.17
N ILE B 333 1.82 -14.00 -25.41
CA ILE B 333 1.56 -13.39 -26.71
C ILE B 333 2.43 -14.04 -27.78
N LEU B 334 3.73 -14.13 -27.50
CA LEU B 334 4.68 -14.68 -28.44
C LEU B 334 4.30 -16.12 -28.85
N ALA B 335 3.77 -16.87 -27.87
CA ALA B 335 3.32 -18.23 -28.09
C ALA B 335 2.11 -18.34 -29.02
N GLN B 336 1.36 -17.25 -29.23
CA GLN B 336 0.20 -17.35 -30.12
C GLN B 336 0.33 -16.58 -31.44
N VAL B 337 1.51 -16.06 -31.73
CA VAL B 337 1.74 -15.30 -32.97
C VAL B 337 2.83 -15.99 -33.79
N SER B 338 2.96 -15.60 -35.06
CA SER B 338 4.09 -16.04 -35.89
C SER B 338 4.53 -14.94 -36.86
N GLU B 339 5.57 -15.24 -37.64
CA GLU B 339 6.24 -14.28 -38.52
C GLU B 339 5.28 -13.45 -39.35
N ARG B 340 5.53 -12.15 -39.37
CA ARG B 340 4.87 -11.24 -40.29
C ARG B 340 5.97 -10.67 -41.16
N GLU B 341 5.69 -10.51 -42.45
CA GLU B 341 6.71 -9.95 -43.34
C GLU B 341 6.92 -8.47 -43.02
N SER B 342 8.12 -7.99 -43.33
CA SER B 342 8.46 -6.57 -43.21
C SER B 342 7.36 -5.69 -43.79
N THR B 343 7.07 -4.58 -43.11
CA THR B 343 6.05 -3.62 -43.51
C THR B 343 6.71 -2.27 -43.76
N PRO B 344 6.05 -1.37 -44.52
CA PRO B 344 6.57 -0.01 -44.68
C PRO B 344 6.82 0.70 -43.34
N TRP B 345 5.94 0.50 -42.36
CA TRP B 345 6.07 1.13 -41.02
C TRP B 345 7.35 0.66 -40.38
N TRP B 346 7.59 -0.65 -40.42
CA TRP B 346 8.84 -1.25 -39.90
C TRP B 346 10.07 -0.67 -40.62
N GLN B 347 10.06 -0.70 -41.95
CA GLN B 347 11.22 -0.19 -42.71
C GLN B 347 11.51 1.29 -42.48
N ALA B 348 10.45 2.09 -42.37
CA ALA B 348 10.59 3.54 -42.14
C ALA B 348 11.24 3.80 -40.75
N ASN B 349 10.78 3.07 -39.72
CA ASN B 349 11.39 3.17 -38.39
C ASN B 349 12.85 2.72 -38.35
N LEU B 350 13.16 1.59 -38.99
CA LEU B 350 14.57 1.13 -39.09
C LEU B 350 15.50 2.18 -39.73
N ALA B 351 15.06 2.77 -40.82
CA ALA B 351 15.82 3.80 -41.53
C ALA B 351 15.99 5.04 -40.67
N ASN B 352 14.92 5.42 -39.98
CA ASN B 352 14.96 6.55 -39.05
C ASN B 352 15.94 6.34 -37.91
N VAL B 353 15.94 5.15 -37.32
CA VAL B 353 16.92 4.78 -36.29
C VAL B 353 18.37 4.86 -36.80
N LYS B 354 18.60 4.31 -37.99
CA LYS B 354 19.93 4.33 -38.61
C LYS B 354 20.48 5.76 -38.78
N ASN B 355 19.60 6.65 -39.25
CA ASN B 355 19.91 8.05 -39.49
C ASN B 355 20.27 8.74 -38.16
N TRP B 356 19.53 8.38 -37.11
CA TRP B 356 19.74 8.97 -35.78
C TRP B 356 21.05 8.50 -35.19
N ARG B 357 21.33 7.20 -35.28
CA ARG B 357 22.60 6.67 -34.78
C ARG B 357 23.84 7.20 -35.50
N ALA B 358 23.74 7.44 -36.81
CA ALA B 358 24.81 8.09 -37.57
C ALA B 358 25.08 9.50 -37.02
N TYR B 359 24.00 10.22 -36.69
CA TYR B 359 24.11 11.55 -36.05
C TYR B 359 24.87 11.46 -34.74
N LEU B 360 24.45 10.57 -33.84
CA LEU B 360 25.13 10.38 -32.56
C LEU B 360 26.58 9.98 -32.73
N ALA B 361 26.85 9.07 -33.67
CA ALA B 361 28.23 8.64 -33.94
C ALA B 361 29.12 9.78 -34.46
N SER B 362 28.57 10.64 -35.31
CA SER B 362 29.30 11.84 -35.79
C SER B 362 29.73 12.77 -34.64
N LEU B 363 28.88 12.93 -33.64
CA LEU B 363 29.24 13.67 -32.42
C LEU B 363 30.34 12.94 -31.64
N GLU B 364 30.17 11.63 -31.42
CA GLU B 364 31.15 10.83 -30.68
C GLU B 364 32.53 10.76 -31.34
N ASP B 365 32.55 10.75 -32.68
CA ASP B 365 33.76 10.36 -33.43
C ASP B 365 34.70 11.53 -33.77
N LYS B 366 34.34 12.74 -33.34
CA LYS B 366 35.27 13.87 -33.40
C LYS B 366 36.55 13.48 -32.66
N GLN B 367 37.71 13.82 -33.24
CA GLN B 367 39.00 13.27 -32.74
C GLN B 367 39.83 14.33 -32.04
N GLU B 368 39.52 15.60 -32.30
CA GLU B 368 40.21 16.70 -31.64
C GLU B 368 39.41 17.98 -31.61
N GLY B 369 39.82 18.88 -30.72
CA GLY B 369 39.13 20.15 -30.51
C GLY B 369 38.52 20.30 -29.12
N PRO B 370 37.63 21.32 -28.95
CA PRO B 370 36.95 21.61 -27.66
C PRO B 370 36.10 20.42 -27.22
N LEU B 371 36.32 19.96 -26.00
CA LEU B 371 35.66 18.78 -25.47
C LEU B 371 34.16 19.02 -25.30
N GLN B 372 33.34 18.08 -25.80
CA GLN B 372 31.90 18.09 -25.56
C GLN B 372 31.54 16.85 -24.76
N ALA B 373 30.36 16.88 -24.15
CA ALA B 373 29.86 15.70 -23.41
C ALA B 373 29.86 14.44 -24.28
N TYR B 374 29.64 14.60 -25.59
CA TYR B 374 29.47 13.43 -26.48
C TYR B 374 30.73 12.57 -26.59
N GLN B 375 31.90 13.21 -26.69
CA GLN B 375 33.13 12.44 -26.81
C GLN B 375 33.50 11.83 -25.48
N VAL B 376 33.14 12.52 -24.40
CA VAL B 376 33.33 11.98 -23.06
C VAL B 376 32.63 10.64 -22.89
N LEU B 377 31.36 10.56 -23.28
CA LEU B 377 30.61 9.32 -23.19
C LEU B 377 31.12 8.22 -24.14
N ARG B 378 31.61 8.60 -25.32
CA ARG B 378 32.30 7.65 -26.20
C ARG B 378 33.53 7.06 -25.48
N ALA B 379 34.31 7.91 -24.80
CA ALA B 379 35.49 7.45 -24.03
C ALA B 379 35.09 6.49 -22.89
N VAL B 380 33.97 6.78 -22.22
CA VAL B 380 33.39 5.84 -21.26
C VAL B 380 33.07 4.51 -21.93
N ASN B 381 32.35 4.55 -23.07
CA ASN B 381 32.03 3.35 -23.81
C ASN B 381 33.26 2.50 -24.10
N LYS B 382 34.35 3.16 -24.49
CA LYS B 382 35.57 2.44 -24.90
C LYS B 382 36.23 1.70 -23.74
N ILE B 383 36.07 2.17 -22.51
CA ILE B 383 36.72 1.47 -21.39
C ILE B 383 35.74 0.63 -20.56
N ALA B 384 34.47 0.65 -20.94
CA ALA B 384 33.42 -0.02 -20.17
C ALA B 384 33.41 -1.55 -20.35
N GLU B 385 33.38 -2.29 -19.24
CA GLU B 385 33.22 -3.75 -19.27
C GLU B 385 31.77 -4.10 -19.62
N PRO B 386 31.53 -5.28 -20.25
CA PRO B 386 30.15 -5.58 -20.68
C PRO B 386 29.10 -5.67 -19.56
N ASP B 387 29.52 -5.85 -18.31
CA ASP B 387 28.57 -5.87 -17.18
C ASP B 387 28.71 -4.68 -16.19
N ALA B 388 29.25 -3.57 -16.66
CA ALA B 388 29.42 -2.36 -15.87
C ALA B 388 28.07 -1.85 -15.33
N ILE B 389 28.13 -1.21 -14.16
CA ILE B 389 27.00 -0.57 -13.54
C ILE B 389 27.24 0.94 -13.59
N TYR B 390 26.20 1.69 -13.91
CA TYR B 390 26.33 3.14 -14.01
C TYR B 390 25.40 3.77 -13.00
N SER B 391 25.98 4.54 -12.07
CA SER B 391 25.20 5.41 -11.21
C SER B 391 25.24 6.78 -11.86
N ILE B 392 24.06 7.29 -12.23
CA ILE B 392 23.95 8.51 -13.04
C ILE B 392 23.30 9.59 -12.17
N ASP B 393 23.86 10.80 -12.19
CA ASP B 393 23.26 11.92 -11.45
C ASP B 393 22.11 12.52 -12.28
N VAL B 394 21.76 13.78 -12.02
CA VAL B 394 20.54 14.39 -12.55
C VAL B 394 20.90 15.66 -13.30
N GLY B 395 20.45 15.77 -14.54
CA GLY B 395 20.69 16.94 -15.39
C GLY B 395 20.93 16.48 -16.81
N ASP B 396 21.73 17.23 -17.57
CA ASP B 396 22.03 16.88 -18.97
C ASP B 396 22.59 15.46 -19.10
N ILE B 397 23.31 14.99 -18.09
CA ILE B 397 23.84 13.62 -18.10
C ILE B 397 22.75 12.54 -18.34
N ASN B 398 21.54 12.73 -17.82
CA ASN B 398 20.52 11.72 -18.08
C ASN B 398 20.26 11.66 -19.59
N LEU B 399 20.09 12.83 -20.19
CA LEU B 399 19.87 12.92 -21.64
C LEU B 399 21.08 12.35 -22.39
N ASN B 400 22.28 12.82 -22.07
CA ASN B 400 23.46 12.34 -22.80
C ASN B 400 23.78 10.85 -22.61
N ALA B 401 23.72 10.35 -21.37
CA ALA B 401 23.97 8.94 -21.13
C ALA B 401 22.92 8.08 -21.85
N ASN B 402 21.68 8.54 -21.85
CA ASN B 402 20.55 7.82 -22.51
C ASN B 402 20.81 7.63 -24.01
N ARG B 403 21.36 8.67 -24.63
CA ARG B 403 21.68 8.60 -26.05
C ARG B 403 22.96 7.84 -26.34
N HIS B 404 23.97 8.01 -25.52
CA HIS B 404 25.32 7.55 -25.88
C HIS B 404 25.77 6.23 -25.28
N LEU B 405 25.32 5.92 -24.07
CA LEU B 405 25.73 4.63 -23.46
C LEU B 405 25.19 3.45 -24.27
N LYS B 406 26.05 2.45 -24.47
CA LYS B 406 25.67 1.29 -25.26
C LYS B 406 25.42 0.12 -24.35
N LEU B 407 24.18 -0.01 -23.89
CA LEU B 407 23.88 -0.92 -22.80
C LEU B 407 23.28 -2.19 -23.32
N THR B 408 23.43 -3.25 -22.54
CA THR B 408 22.82 -4.55 -22.85
C THR B 408 22.18 -5.05 -21.56
N PRO B 409 21.42 -6.17 -21.63
CA PRO B 409 20.90 -6.82 -20.42
C PRO B 409 21.93 -7.09 -19.31
N SER B 410 23.21 -7.16 -19.66
CA SER B 410 24.27 -7.40 -18.67
C SER B 410 24.61 -6.18 -17.83
N ASN B 411 24.19 -5.00 -18.29
CA ASN B 411 24.44 -3.78 -17.50
C ASN B 411 23.32 -3.48 -16.50
N ARG B 412 23.65 -2.61 -15.54
CA ARG B 412 22.63 -1.90 -14.77
C ARG B 412 22.92 -0.41 -14.79
N HIS B 413 21.85 0.39 -14.77
CA HIS B 413 22.03 1.83 -14.57
C HIS B 413 20.92 2.30 -13.66
N ILE B 414 21.27 3.23 -12.77
CA ILE B 414 20.32 3.79 -11.82
C ILE B 414 20.52 5.29 -11.75
N THR B 415 19.42 6.00 -11.50
CA THR B 415 19.43 7.40 -11.15
C THR B 415 18.25 7.59 -10.19
N SER B 416 17.99 8.84 -9.79
CA SER B 416 16.76 9.20 -9.09
C SER B 416 15.67 9.46 -10.14
N ASN B 417 14.88 8.43 -10.44
CA ASN B 417 14.00 8.43 -11.63
C ASN B 417 12.90 9.52 -11.61
N LEU B 418 12.24 9.68 -10.46
CA LEU B 418 11.02 10.47 -10.40
C LEU B 418 11.11 11.68 -9.44
N PHE B 419 11.68 11.45 -8.25
CA PHE B 419 12.02 12.56 -7.34
C PHE B 419 13.13 13.39 -7.98
N ALA B 420 14.02 12.71 -8.73
CA ALA B 420 15.11 13.36 -9.47
C ALA B 420 15.97 14.27 -8.59
N THR B 421 16.40 13.74 -7.44
CA THR B 421 17.33 14.49 -6.60
C THR B 421 18.73 14.45 -7.20
N MET B 422 19.31 15.64 -7.45
CA MET B 422 20.74 15.76 -7.74
C MET B 422 21.55 15.23 -6.56
N GLY B 423 22.78 14.82 -6.83
CA GLY B 423 23.66 14.31 -5.79
C GLY B 423 23.75 12.79 -5.74
N VAL B 424 22.86 12.10 -6.47
CA VAL B 424 22.79 10.64 -6.38
C VAL B 424 23.95 9.88 -7.03
N GLY B 425 24.73 10.52 -7.90
CA GLY B 425 25.78 9.80 -8.63
C GLY B 425 26.75 9.11 -7.68
N ILE B 426 27.29 9.88 -6.74
CA ILE B 426 28.31 9.38 -5.77
C ILE B 426 27.78 8.23 -4.86
N PRO B 427 26.65 8.46 -4.15
CA PRO B 427 26.08 7.37 -3.32
C PRO B 427 25.62 6.12 -4.09
N GLY B 428 25.05 6.29 -5.29
CA GLY B 428 24.62 5.13 -6.09
C GLY B 428 25.80 4.24 -6.45
N ALA B 429 26.95 4.86 -6.71
CA ALA B 429 28.18 4.16 -7.08
C ALA B 429 28.82 3.49 -5.87
N ILE B 430 28.74 4.16 -4.71
CA ILE B 430 29.20 3.57 -3.46
C ILE B 430 28.42 2.26 -3.21
N ALA B 431 27.08 2.36 -3.32
CA ALA B 431 26.20 1.22 -3.12
C ALA B 431 26.48 0.14 -4.18
N ALA B 432 26.68 0.54 -5.42
CA ALA B 432 26.95 -0.43 -6.50
C ALA B 432 28.20 -1.26 -6.18
N LYS B 433 29.28 -0.58 -5.79
CA LYS B 433 30.56 -1.25 -5.54
C LYS B 433 30.50 -2.13 -4.31
N LEU B 434 29.71 -1.71 -3.31
CA LEU B 434 29.54 -2.51 -2.09
C LEU B 434 28.81 -3.83 -2.39
N ASN B 435 27.79 -3.76 -3.24
CA ASN B 435 27.06 -4.96 -3.63
C ASN B 435 27.79 -5.83 -4.65
N TYR B 436 28.61 -5.22 -5.47
CA TYR B 436 29.23 -5.94 -6.59
C TYR B 436 30.70 -5.57 -6.69
N PRO B 437 31.52 -6.02 -5.72
CA PRO B 437 32.92 -5.65 -5.68
C PRO B 437 33.67 -6.01 -6.97
N GLU B 438 33.18 -7.02 -7.69
CA GLU B 438 33.90 -7.51 -8.89
C GLU B 438 33.44 -6.86 -10.19
N ARG B 439 32.40 -6.03 -10.13
CA ARG B 439 31.91 -5.35 -11.33
C ARG B 439 32.44 -3.92 -11.44
N GLN B 440 32.67 -3.49 -12.67
CA GLN B 440 33.11 -2.13 -12.91
C GLN B 440 31.94 -1.18 -12.62
N VAL B 441 32.24 -0.08 -11.94
CA VAL B 441 31.21 0.88 -11.53
C VAL B 441 31.58 2.31 -11.92
N PHE B 442 30.67 2.98 -12.63
CA PHE B 442 30.85 4.38 -12.98
C PHE B 442 29.92 5.26 -12.17
N ASN B 443 30.40 6.47 -11.88
CA ASN B 443 29.55 7.54 -11.41
C ASN B 443 29.63 8.62 -12.49
N LEU B 444 28.51 8.90 -13.16
CA LEU B 444 28.46 9.91 -14.23
C LEU B 444 27.61 11.07 -13.70
N ALA B 445 28.24 12.22 -13.48
CA ALA B 445 27.55 13.29 -12.75
C ALA B 445 27.92 14.62 -13.36
N GLY B 446 26.95 15.51 -13.44
CA GLY B 446 27.24 16.92 -13.78
C GLY B 446 27.93 17.59 -12.62
N ASP B 447 28.53 18.74 -12.87
CA ASP B 447 29.24 19.46 -11.82
C ASP B 447 28.33 19.98 -10.70
N GLY B 448 27.11 20.40 -11.04
CA GLY B 448 26.15 20.81 -10.04
C GLY B 448 25.79 19.69 -9.09
N GLY B 449 25.51 18.51 -9.65
CA GLY B 449 25.15 17.33 -8.86
C GLY B 449 26.31 16.78 -8.08
N ALA B 450 27.48 16.68 -8.73
CA ALA B 450 28.66 16.18 -8.06
C ALA B 450 29.03 17.07 -6.87
N SER B 451 28.86 18.39 -7.02
CA SER B 451 29.24 19.29 -5.95
C SER B 451 28.33 19.14 -4.72
N MET B 452 27.06 18.76 -4.91
CA MET B 452 26.19 18.60 -3.76
C MET B 452 26.60 17.47 -2.80
N THR B 453 27.19 16.40 -3.35
CA THR B 453 27.62 15.28 -2.51
C THR B 453 29.14 15.02 -2.59
N MET B 454 29.91 16.02 -3.03
CA MET B 454 31.35 15.84 -3.24
C MET B 454 32.12 15.27 -2.02
N GLN B 455 31.71 15.64 -0.81
CA GLN B 455 32.46 15.21 0.41
C GLN B 455 32.53 13.69 0.49
N ASP B 456 31.57 13.00 -0.11
CA ASP B 456 31.54 11.55 0.01
C ASP B 456 32.38 10.82 -1.03
N LEU B 457 33.08 11.56 -1.85
CA LEU B 457 34.24 10.98 -2.55
C LEU B 457 35.20 10.41 -1.50
N ALA B 458 35.29 11.05 -0.33
CA ALA B 458 36.15 10.51 0.73
C ALA B 458 35.72 9.12 1.22
N THR B 459 34.42 8.81 1.07
CA THR B 459 33.88 7.54 1.50
C THR B 459 34.35 6.43 0.56
N GLN B 460 34.44 6.74 -0.74
CA GLN B 460 34.99 5.80 -1.71
C GLN B 460 36.44 5.46 -1.35
N VAL B 461 37.19 6.51 -0.96
CA VAL B 461 38.62 6.32 -0.58
C VAL B 461 38.73 5.50 0.71
N GLN B 462 37.95 5.87 1.72
CA GLN B 462 38.01 5.22 3.02
C GLN B 462 37.66 3.74 2.97
N TYR B 463 36.76 3.37 2.08
CA TYR B 463 36.32 1.99 1.99
C TYR B 463 36.90 1.28 0.75
N HIS B 464 37.83 1.96 0.08
CA HIS B 464 38.56 1.42 -1.07
C HIS B 464 37.59 0.87 -2.11
N LEU B 465 36.67 1.73 -2.53
CA LEU B 465 35.67 1.37 -3.50
C LEU B 465 36.10 1.96 -4.85
N PRO B 466 36.60 1.10 -5.76
CA PRO B 466 37.18 1.58 -7.01
C PRO B 466 36.17 2.09 -8.06
N VAL B 467 35.49 3.17 -7.73
CA VAL B 467 34.53 3.82 -8.63
C VAL B 467 35.29 4.67 -9.64
N ILE B 468 34.81 4.65 -10.90
CA ILE B 468 35.27 5.59 -11.90
C ILE B 468 34.29 6.76 -11.95
N ASN B 469 34.69 7.88 -11.34
CA ASN B 469 33.88 9.08 -11.28
C ASN B 469 34.20 9.92 -12.50
N VAL B 470 33.17 10.32 -13.25
CA VAL B 470 33.37 11.23 -14.38
C VAL B 470 32.49 12.44 -14.18
N VAL B 471 33.09 13.61 -13.98
CA VAL B 471 32.30 14.81 -13.69
C VAL B 471 32.28 15.62 -14.96
N PHE B 472 31.09 16.08 -15.33
CA PHE B 472 30.89 16.83 -16.57
C PHE B 472 30.87 18.33 -16.18
N THR B 473 32.01 18.99 -16.34
CA THR B 473 32.16 20.38 -15.87
C THR B 473 31.85 21.38 -16.98
N ASN B 474 30.61 21.90 -16.98
CA ASN B 474 30.24 22.99 -17.90
C ASN B 474 30.13 24.35 -17.18
N CYS B 475 30.31 24.36 -15.86
CA CYS B 475 30.11 25.59 -15.06
C CYS B 475 28.69 26.13 -15.19
N GLN B 476 27.74 25.22 -15.29
CA GLN B 476 26.35 25.59 -15.48
C GLN B 476 25.48 24.56 -14.79
N TYR B 477 24.26 24.96 -14.41
CA TYR B 477 23.15 23.99 -14.29
C TYR B 477 22.56 23.96 -15.70
N GLY B 478 23.17 23.18 -16.60
CA GLY B 478 22.82 23.22 -18.03
C GLY B 478 21.37 22.88 -18.30
N TRP B 479 20.87 21.82 -17.65
CA TRP B 479 19.46 21.40 -17.75
C TRP B 479 18.50 22.58 -17.53
N ILE B 480 18.79 23.39 -16.52
CA ILE B 480 17.94 24.52 -16.12
C ILE B 480 18.18 25.74 -17.02
N LYS B 481 19.42 25.95 -17.45
CA LYS B 481 19.74 27.06 -18.36
C LYS B 481 18.91 26.91 -19.64
N ASP B 482 18.89 25.68 -20.19
CA ASP B 482 18.10 25.39 -21.39
C ASP B 482 16.60 25.60 -21.15
N GLU B 483 16.10 25.22 -19.96
CA GLU B 483 14.70 25.55 -19.61
C GLU B 483 14.44 27.07 -19.58
N GLN B 484 15.35 27.83 -18.96
CA GLN B 484 15.20 29.29 -18.90
C GLN B 484 15.21 29.89 -20.31
N GLU B 485 16.04 29.33 -21.19
CA GLU B 485 16.07 29.76 -22.59
C GLU B 485 14.68 29.59 -23.22
N ASP B 486 14.00 28.48 -22.91
CA ASP B 486 12.70 28.17 -23.48
C ASP B 486 11.55 28.98 -22.89
N THR B 487 11.59 29.29 -21.60
CA THR B 487 10.43 29.90 -20.93
C THR B 487 10.64 31.34 -20.44
N ASN B 488 11.86 31.69 -20.06
CA ASN B 488 12.06 32.93 -19.31
C ASN B 488 12.16 34.18 -20.17
N GLN B 489 11.56 35.27 -19.72
CA GLN B 489 11.60 36.52 -20.50
C GLN B 489 12.91 37.27 -20.28
N ASN B 490 13.40 37.23 -19.04
CA ASN B 490 14.53 38.02 -18.59
C ASN B 490 15.81 37.21 -18.70
N ASP B 491 16.96 37.80 -18.36
CA ASP B 491 18.27 37.12 -18.53
C ASP B 491 18.39 35.85 -17.72
N PHE B 492 19.31 34.97 -18.14
CA PHE B 492 19.66 33.78 -17.37
C PHE B 492 19.97 34.16 -15.94
N ILE B 493 19.53 33.35 -14.97
CA ILE B 493 19.84 33.65 -13.57
C ILE B 493 20.01 32.36 -12.75
N GLY B 494 21.10 32.29 -11.99
CA GLY B 494 21.36 31.13 -11.13
C GLY B 494 21.86 29.90 -11.86
N VAL B 495 22.11 30.00 -13.16
CA VAL B 495 22.43 28.80 -13.96
C VAL B 495 23.86 28.77 -14.53
N GLU B 496 24.57 29.89 -14.45
CA GLU B 496 26.01 29.92 -14.79
C GLU B 496 26.80 30.32 -13.56
N PHE B 497 27.84 29.54 -13.25
CA PHE B 497 28.57 29.76 -12.03
C PHE B 497 30.07 29.52 -12.20
N ASN B 498 30.78 29.73 -11.10
CA ASN B 498 32.22 29.54 -11.01
C ASN B 498 32.66 28.09 -11.08
N ASP B 499 33.79 27.88 -11.76
CA ASP B 499 34.46 26.59 -11.83
C ASP B 499 34.82 26.03 -10.46
N ILE B 500 34.65 24.71 -10.33
CA ILE B 500 35.29 23.92 -9.27
C ILE B 500 36.17 22.90 -9.98
N ASP B 501 37.44 22.81 -9.61
CA ASP B 501 38.32 21.83 -10.21
C ASP B 501 38.19 20.56 -9.40
N PHE B 502 37.42 19.59 -9.91
CA PHE B 502 37.19 18.33 -9.17
C PHE B 502 38.40 17.42 -9.08
N SER B 503 39.39 17.61 -9.95
CA SER B 503 40.64 16.88 -9.80
C SER B 503 41.36 17.34 -8.51
N LYS B 504 41.24 18.63 -8.17
CA LYS B 504 41.77 19.14 -6.90
C LYS B 504 40.93 18.70 -5.71
N ILE B 505 39.60 18.73 -5.86
CA ILE B 505 38.72 18.12 -4.84
C ILE B 505 39.13 16.67 -4.54
N ALA B 506 39.31 15.87 -5.60
CA ALA B 506 39.71 14.46 -5.47
C ALA B 506 41.05 14.32 -4.72
N ASP B 507 42.02 15.15 -5.09
CA ASP B 507 43.31 15.23 -4.41
C ASP B 507 43.11 15.50 -2.92
N GLY B 508 42.23 16.46 -2.58
CA GLY B 508 41.91 16.77 -1.17
C GLY B 508 41.34 15.62 -0.37
N VAL B 509 40.61 14.72 -1.03
CA VAL B 509 40.15 13.49 -0.35
C VAL B 509 41.09 12.28 -0.58
N HIS B 510 42.22 12.53 -1.26
CA HIS B 510 43.28 11.50 -1.46
C HIS B 510 42.84 10.43 -2.46
N MET B 511 42.23 10.92 -3.53
CA MET B 511 41.79 10.10 -4.66
C MET B 511 42.55 10.58 -5.89
N GLN B 512 43.07 9.63 -6.66
CA GLN B 512 43.76 9.95 -7.92
C GLN B 512 42.78 10.55 -8.89
N ALA B 513 43.25 11.54 -9.65
CA ALA B 513 42.36 12.25 -10.56
C ALA B 513 43.06 12.94 -11.72
N PHE B 514 42.26 13.28 -12.73
CA PHE B 514 42.69 13.94 -13.96
C PHE B 514 41.70 15.02 -14.31
N ARG B 515 42.17 16.06 -14.97
CA ARG B 515 41.29 17.05 -15.55
C ARG B 515 41.63 17.16 -17.01
N VAL B 516 40.60 17.10 -17.86
CA VAL B 516 40.80 17.19 -19.33
C VAL B 516 39.89 18.24 -19.93
N ASN B 517 40.37 18.93 -20.97
CA ASN B 517 39.51 19.91 -21.67
C ASN B 517 39.53 19.83 -23.20
N LYS B 518 40.20 18.81 -23.75
CA LYS B 518 40.36 18.63 -25.20
C LYS B 518 40.08 17.17 -25.55
N ILE B 519 39.40 16.95 -26.67
CA ILE B 519 39.04 15.62 -27.14
C ILE B 519 40.26 14.68 -27.24
N GLU B 520 41.37 15.21 -27.74
CA GLU B 520 42.55 14.38 -27.98
C GLU B 520 43.18 13.86 -26.69
N GLN B 521 42.79 14.44 -25.56
CA GLN B 521 43.27 14.02 -24.26
C GLN B 521 42.59 12.76 -23.72
N LEU B 522 41.42 12.44 -24.24
CA LEU B 522 40.56 11.40 -23.65
C LEU B 522 41.16 9.98 -23.59
N PRO B 523 41.65 9.46 -24.75
CA PRO B 523 42.04 8.03 -24.78
C PRO B 523 43.02 7.64 -23.67
N ASP B 524 44.07 8.43 -23.46
CA ASP B 524 45.11 8.05 -22.49
C ASP B 524 44.66 8.23 -21.06
N VAL B 525 43.92 9.31 -20.80
CA VAL B 525 43.36 9.54 -19.47
C VAL B 525 42.40 8.42 -19.08
N PHE B 526 41.48 8.06 -19.98
CA PHE B 526 40.52 6.98 -19.68
C PHE B 526 41.20 5.60 -19.59
N GLU B 527 42.25 5.36 -20.37
CA GLU B 527 43.07 4.13 -20.18
C GLU B 527 43.73 4.09 -18.79
N GLN B 528 44.32 5.21 -18.36
CA GLN B 528 44.86 5.28 -17.00
C GLN B 528 43.80 5.03 -15.92
N ALA B 529 42.66 5.66 -16.07
CA ALA B 529 41.55 5.54 -15.12
C ALA B 529 41.08 4.11 -15.04
N LYS B 530 40.84 3.46 -16.18
CA LYS B 530 40.47 2.03 -16.22
C LYS B 530 41.41 1.17 -15.37
N ALA B 531 42.72 1.44 -15.45
CA ALA B 531 43.74 0.64 -14.75
C ALA B 531 43.76 0.98 -13.26
N ILE B 532 43.70 2.27 -12.93
CA ILE B 532 43.67 2.69 -11.54
C ILE B 532 42.52 2.01 -10.82
N ALA B 533 41.35 1.99 -11.49
CA ALA B 533 40.12 1.46 -10.91
C ALA B 533 40.08 -0.06 -10.82
N GLN B 534 41.19 -0.72 -11.14
CA GLN B 534 41.34 -2.13 -10.73
C GLN B 534 41.50 -2.28 -9.22
N HIS B 535 41.86 -1.20 -8.53
CA HIS B 535 42.20 -1.26 -7.08
C HIS B 535 41.74 -0.07 -6.24
N GLU B 536 41.61 1.10 -6.87
CA GLU B 536 41.31 2.32 -6.12
C GLU B 536 40.34 3.21 -6.89
N PRO B 537 39.56 4.07 -6.18
CA PRO B 537 38.71 5.00 -6.94
C PRO B 537 39.53 6.02 -7.77
N VAL B 538 38.91 6.57 -8.80
CA VAL B 538 39.57 7.56 -9.66
C VAL B 538 38.50 8.57 -10.10
N LEU B 539 38.92 9.78 -10.41
CA LEU B 539 38.00 10.79 -10.88
C LEU B 539 38.59 11.46 -12.10
N ILE B 540 37.77 11.63 -13.14
CA ILE B 540 38.12 12.41 -14.31
C ILE B 540 37.20 13.64 -14.33
N ASP B 541 37.78 14.83 -14.31
CA ASP B 541 37.00 16.06 -14.43
C ASP B 541 37.05 16.49 -15.90
N ALA B 542 35.95 16.30 -16.61
CA ALA B 542 35.86 16.66 -18.04
C ALA B 542 35.30 18.07 -18.23
N VAL B 543 36.16 19.01 -18.61
CA VAL B 543 35.73 20.39 -18.86
C VAL B 543 35.04 20.44 -20.22
N ILE B 544 33.72 20.63 -20.25
CA ILE B 544 33.00 20.50 -21.52
C ILE B 544 32.43 21.84 -21.97
N THR B 545 32.06 21.95 -23.25
CA THR B 545 31.41 23.17 -23.76
C THR B 545 30.00 23.34 -23.20
N GLY B 546 29.45 24.54 -23.37
CA GLY B 546 28.06 24.82 -23.07
C GLY B 546 27.12 24.65 -24.26
N ASP B 547 27.44 23.78 -25.21
CA ASP B 547 26.51 23.45 -26.29
C ASP B 547 25.24 22.78 -25.77
N ARG B 548 24.08 23.26 -26.20
CA ARG B 548 22.84 22.61 -25.86
C ARG B 548 22.65 21.31 -26.66
N PRO B 549 22.38 20.18 -25.97
CA PRO B 549 22.13 18.94 -26.73
C PRO B 549 20.81 19.03 -27.50
N LEU B 550 20.76 18.37 -28.66
CA LEU B 550 19.56 18.39 -29.49
C LEU B 550 18.29 18.12 -28.67
N PRO B 551 17.30 19.04 -28.72
CA PRO B 551 16.02 18.82 -28.02
C PRO B 551 15.07 17.92 -28.82
N ALA B 552 14.97 16.64 -28.42
CA ALA B 552 14.12 15.68 -29.15
C ALA B 552 12.65 16.08 -29.11
N GLU B 553 12.29 16.88 -28.11
CA GLU B 553 10.92 17.36 -27.92
C GLU B 553 10.64 18.68 -28.69
N LYS B 554 11.66 19.25 -29.33
CA LYS B 554 11.51 20.47 -30.13
C LYS B 554 12.19 20.32 -31.50
N LEU B 555 11.94 19.22 -32.18
CA LEU B 555 12.55 18.95 -33.50
C LEU B 555 12.08 19.98 -34.51
N ARG B 556 13.01 20.48 -35.32
CA ARG B 556 12.64 21.36 -36.45
C ARG B 556 13.33 20.84 -37.68
N LEU B 557 12.71 19.86 -38.33
CA LEU B 557 13.31 19.13 -39.46
C LEU B 557 12.36 18.86 -40.60
N ASP B 558 11.07 18.94 -40.31
CA ASP B 558 10.01 18.58 -41.25
C ASP B 558 9.38 19.81 -41.89
N SER B 559 9.61 19.91 -43.20
CA SER B 559 9.11 20.99 -44.06
C SER B 559 7.62 21.25 -43.98
N ALA B 560 6.85 20.23 -43.66
CA ALA B 560 5.39 20.36 -43.62
C ALA B 560 4.94 20.91 -42.27
N MET B 561 5.85 20.90 -41.30
CA MET B 561 5.52 21.29 -39.93
C MET B 561 6.24 22.54 -39.45
N SER B 562 7.43 22.82 -40.00
CA SER B 562 8.25 23.94 -39.56
C SER B 562 8.69 24.77 -40.77
N SER B 563 8.95 26.07 -40.54
CA SER B 563 9.39 26.93 -41.62
C SER B 563 10.83 26.55 -42.00
N ALA B 564 11.21 26.85 -43.24
CA ALA B 564 12.56 26.66 -43.73
C ALA B 564 13.60 27.36 -42.83
N ALA B 565 13.29 28.58 -42.37
CA ALA B 565 14.22 29.30 -41.50
C ALA B 565 14.43 28.58 -40.17
N ASP B 566 13.36 28.07 -39.59
CA ASP B 566 13.48 27.35 -38.31
C ASP B 566 14.29 26.06 -38.44
N ILE B 567 14.09 25.33 -39.54
CA ILE B 567 14.82 24.10 -39.82
C ILE B 567 16.31 24.42 -40.02
N GLU B 568 16.61 25.46 -40.79
CA GLU B 568 18.00 25.87 -41.03
C GLU B 568 18.71 26.18 -39.70
N ALA B 569 18.04 26.93 -38.83
CA ALA B 569 18.61 27.32 -37.53
C ALA B 569 18.83 26.12 -36.61
N PHE B 570 17.85 25.22 -36.59
CA PHE B 570 17.94 23.98 -35.76
C PHE B 570 19.11 23.11 -36.26
N LYS B 571 19.19 22.92 -37.58
CA LYS B 571 20.28 22.11 -38.14
C LYS B 571 21.65 22.71 -37.78
N GLN B 572 21.76 24.03 -37.85
CA GLN B 572 23.00 24.72 -37.52
C GLN B 572 23.35 24.50 -36.05
N ARG B 573 22.41 24.82 -35.16
CA ARG B 573 22.76 24.79 -33.74
C ARG B 573 23.17 23.40 -33.27
N TYR B 574 22.46 22.39 -33.76
CA TYR B 574 22.62 21.05 -33.23
C TYR B 574 23.44 20.13 -34.10
N GLU B 575 24.18 20.70 -35.05
CA GLU B 575 25.07 19.93 -35.93
C GLU B 575 24.27 18.82 -36.60
N ALA B 576 23.04 19.17 -36.99
CA ALA B 576 22.03 18.19 -37.36
C ALA B 576 21.70 18.23 -38.86
N GLN B 577 22.64 18.72 -39.67
CA GLN B 577 22.43 18.90 -41.11
C GLN B 577 22.04 17.61 -41.85
N ASP B 578 22.54 16.47 -41.38
CA ASP B 578 22.25 15.18 -42.01
C ASP B 578 21.06 14.40 -41.40
N LEU B 579 20.43 14.96 -40.38
CA LEU B 579 19.22 14.30 -39.84
C LEU B 579 18.04 14.54 -40.76
N GLN B 580 17.24 13.50 -41.00
CA GLN B 580 16.00 13.60 -41.73
C GLN B 580 14.84 13.38 -40.78
N PRO B 581 13.70 14.05 -41.04
CA PRO B 581 12.54 13.81 -40.22
C PRO B 581 11.94 12.43 -40.59
N LEU B 582 11.23 11.81 -39.66
CA LEU B 582 10.59 10.52 -39.91
C LEU B 582 9.77 10.52 -41.22
N SER B 583 9.09 11.63 -41.52
CA SER B 583 8.21 11.73 -42.68
C SER B 583 8.93 11.40 -44.00
N THR B 584 10.20 11.75 -44.10
CA THR B 584 11.03 11.40 -45.24
C THR B 584 11.05 9.88 -45.46
N TYR B 585 11.24 9.13 -44.36
CA TYR B 585 11.25 7.66 -44.41
C TYR B 585 9.87 7.08 -44.62
N LEU B 586 8.84 7.64 -43.98
CA LEU B 586 7.47 7.22 -44.24
C LEU B 586 7.14 7.34 -45.74
N LYS B 587 7.40 8.51 -46.32
CA LYS B 587 7.21 8.73 -47.77
C LYS B 587 8.01 7.75 -48.61
N GLN B 588 9.28 7.57 -48.26
CA GLN B 588 10.15 6.60 -48.94
C GLN B 588 9.51 5.21 -49.08
N PHE B 589 8.88 4.74 -48.01
CA PHE B 589 8.27 3.42 -48.03
C PHE B 589 6.76 3.41 -48.31
N GLY B 590 6.20 4.55 -48.73
CA GLY B 590 4.82 4.60 -49.21
C GLY B 590 3.72 4.92 -48.20
N LEU B 591 4.10 5.51 -47.07
CA LEU B 591 3.14 5.95 -46.04
C LEU B 591 3.08 7.47 -45.94
N ASP B 592 1.94 8.01 -45.54
CA ASP B 592 1.86 9.46 -45.21
C ASP B 592 1.75 9.74 -43.68
N ASP B 593 1.73 11.02 -43.30
CA ASP B 593 1.55 11.45 -41.89
C ASP B 593 0.09 11.44 -41.44
#